data_1QR1
#
_entry.id   1QR1
#
_cell.length_a   50.337
_cell.length_b   63.609
_cell.length_c   75.135
_cell.angle_alpha   81.88
_cell.angle_beta   76.25
_cell.angle_gamma   77.83
#
_symmetry.space_group_name_H-M   'P 1'
#
loop_
_entity.id
_entity.type
_entity.pdbx_description
1 polymer 'HLA-A2.1 HEAVY CHAIN'
2 polymer 'BETA-2 MICROGLOBULIN'
3 polymer 'GP2 PEPTIDE'
4 water water
#
loop_
_entity_poly.entity_id
_entity_poly.type
_entity_poly.pdbx_seq_one_letter_code
_entity_poly.pdbx_strand_id
1 'polypeptide(L)'
;GSHSMRYFFTSVSRPGRGEPRFIAVGYVDDTQFVRFDSDAASQRMEPRAPWIEQEGPEYWDGETRKVKAHSQTHRVDLGT
LRGYYNQSEAGSHTVQRMYGCDVGSDWRFLRGYHQYAYDGKDYIALKEDLRSWTAADMAAQTTKHKWEAAHVAEQLRAYL
EGTCVEWLRRYLENGKETLQRTDAPKTHMTHHAVSDHEATLRCWALSFYPAEITLTWQRDGEDQTQDTELVETRPAGDGT
FQKWAAVVVPSGQEQRYTCHVQHEGLPKPLTLRWE
;
A,D
2 'polypeptide(L)'
;MIQRTPKIQVYSRHPAENGKSNFLNCYVSGFHPSDIEVDLLKNGERIEKVEHSDLSFSKDWSFYLLYYTEFTPTEKDEYA
CRVNHVTLSQPKIVKWDRDM
;
B,E
3 'polypeptide(L)' IISAVVGIL C,F
#
# COMPACT_ATOMS: atom_id res chain seq x y z
N GLY A 1 -11.86 -47.75 -20.65
CA GLY A 1 -11.77 -46.35 -20.74
C GLY A 1 -10.53 -45.84 -19.99
N SER A 2 -10.11 -44.65 -20.39
CA SER A 2 -8.95 -43.96 -19.81
C SER A 2 -9.35 -43.32 -18.48
N HIS A 3 -8.37 -43.15 -17.60
CA HIS A 3 -8.63 -42.58 -16.27
C HIS A 3 -7.48 -41.74 -15.76
N SER A 4 -7.79 -40.89 -14.79
CA SER A 4 -6.78 -40.05 -14.20
C SER A 4 -7.11 -39.72 -12.76
N MET A 5 -6.08 -39.38 -12.00
CA MET A 5 -6.24 -38.95 -10.61
C MET A 5 -5.48 -37.62 -10.54
N ARG A 6 -6.11 -36.59 -10.01
CA ARG A 6 -5.45 -35.28 -9.94
C ARG A 6 -5.68 -34.56 -8.62
N TYR A 7 -4.63 -33.89 -8.14
CA TYR A 7 -4.71 -33.12 -6.89
C TYR A 7 -4.52 -31.62 -7.17
N PHE A 8 -5.37 -30.82 -6.55
CA PHE A 8 -5.33 -29.37 -6.74
C PHE A 8 -5.11 -28.63 -5.44
N PHE A 9 -4.12 -27.74 -5.45
CA PHE A 9 -3.76 -26.96 -4.27
C PHE A 9 -3.76 -25.47 -4.55
N THR A 10 -4.54 -24.72 -3.76
CA THR A 10 -4.59 -23.27 -3.91
C THR A 10 -4.18 -22.65 -2.60
N SER A 11 -3.29 -21.68 -2.68
CA SER A 11 -2.75 -20.96 -1.53
C SER A 11 -2.94 -19.45 -1.80
N VAL A 12 -3.57 -18.73 -0.87
CA VAL A 12 -3.82 -17.30 -1.07
C VAL A 12 -3.42 -16.47 0.15
N SER A 13 -2.56 -15.48 -0.05
CA SER A 13 -2.14 -14.64 1.07
C SER A 13 -3.16 -13.58 1.45
N ARG A 14 -3.24 -13.29 2.75
CA ARG A 14 -4.18 -12.31 3.32
C ARG A 14 -3.45 -11.37 4.27
N PRO A 15 -2.68 -10.41 3.73
CA PRO A 15 -1.93 -9.45 4.54
C PRO A 15 -2.79 -8.72 5.59
N GLY A 16 -2.50 -8.96 6.86
CA GLY A 16 -3.26 -8.30 7.92
C GLY A 16 -4.46 -9.10 8.44
N ARG A 17 -4.87 -10.14 7.73
CA ARG A 17 -6.01 -10.93 8.17
C ARG A 17 -5.58 -12.36 8.54
N GLY A 18 -4.37 -12.49 9.09
CA GLY A 18 -3.88 -13.80 9.49
C GLY A 18 -3.22 -14.64 8.40
N GLU A 19 -3.05 -15.94 8.70
CA GLU A 19 -2.44 -16.88 7.78
C GLU A 19 -3.10 -16.94 6.41
N PRO A 20 -2.34 -17.41 5.40
CA PRO A 20 -2.89 -17.51 4.05
C PRO A 20 -3.88 -18.67 4.00
N ARG A 21 -4.85 -18.57 3.09
CA ARG A 21 -5.85 -19.61 2.92
C ARG A 21 -5.23 -20.73 2.10
N PHE A 22 -5.44 -21.97 2.53
CA PHE A 22 -4.93 -23.11 1.79
C PHE A 22 -6.08 -24.08 1.60
N ILE A 23 -6.32 -24.46 0.35
CA ILE A 23 -7.40 -25.37 0.00
C ILE A 23 -6.84 -26.46 -0.88
N ALA A 24 -7.21 -27.71 -0.59
CA ALA A 24 -6.76 -28.82 -1.40
C ALA A 24 -7.95 -29.74 -1.69
N VAL A 25 -8.04 -30.20 -2.94
CA VAL A 25 -9.10 -31.11 -3.36
C VAL A 25 -8.53 -32.19 -4.24
N GLY A 26 -9.12 -33.37 -4.19
CA GLY A 26 -8.65 -34.48 -5.00
C GLY A 26 -9.77 -35.00 -5.88
N TYR A 27 -9.37 -35.43 -7.05
CA TYR A 27 -10.32 -35.95 -8.04
C TYR A 27 -9.81 -37.24 -8.68
N VAL A 28 -10.79 -38.01 -9.08
CA VAL A 28 -10.62 -39.22 -9.88
C VAL A 28 -11.54 -39.01 -11.06
N ASP A 29 -10.95 -38.80 -12.21
CA ASP A 29 -11.73 -38.47 -13.37
C ASP A 29 -12.51 -37.20 -13.00
N ASP A 30 -13.82 -37.21 -13.15
CA ASP A 30 -14.58 -36.00 -12.82
C ASP A 30 -15.28 -36.04 -11.47
N THR A 31 -14.87 -36.98 -10.61
CA THR A 31 -15.48 -37.11 -9.29
C THR A 31 -14.49 -36.69 -8.22
N GLN A 32 -14.89 -35.73 -7.38
CA GLN A 32 -14.02 -35.27 -6.30
C GLN A 32 -14.15 -36.25 -5.12
N PHE A 33 -13.04 -36.56 -4.44
CA PHE A 33 -13.14 -37.50 -3.32
C PHE A 33 -12.59 -37.06 -1.96
N VAL A 34 -11.70 -36.07 -1.92
CA VAL A 34 -11.20 -35.55 -0.63
C VAL A 34 -11.03 -34.04 -0.67
N ARG A 35 -10.80 -33.43 0.49
CA ARG A 35 -10.59 -31.99 0.60
C ARG A 35 -9.96 -31.62 1.95
N PHE A 36 -9.32 -30.46 1.97
CA PHE A 36 -8.73 -29.92 3.18
C PHE A 36 -8.90 -28.41 3.03
N ASP A 37 -9.31 -27.77 4.10
CA ASP A 37 -9.51 -26.33 4.07
C ASP A 37 -8.95 -25.75 5.36
N SER A 38 -7.87 -24.97 5.24
CA SER A 38 -7.21 -24.35 6.39
C SER A 38 -8.17 -23.54 7.27
N ASP A 39 -9.20 -22.96 6.67
CA ASP A 39 -10.17 -22.18 7.43
C ASP A 39 -11.24 -23.06 8.09
N ALA A 40 -11.24 -24.35 7.78
CA ALA A 40 -12.24 -25.24 8.36
C ALA A 40 -11.91 -25.59 9.81
N ALA A 41 -12.93 -26.02 10.54
CA ALA A 41 -12.80 -26.36 11.95
C ALA A 41 -12.06 -27.67 12.27
N SER A 42 -12.27 -28.71 11.47
CA SER A 42 -11.65 -30.01 11.70
C SER A 42 -10.13 -30.05 11.60
N GLN A 43 -9.59 -29.30 10.64
CA GLN A 43 -8.15 -29.29 10.40
C GLN A 43 -7.69 -30.68 9.96
N ARG A 44 -8.53 -31.34 9.15
CA ARG A 44 -8.23 -32.68 8.66
C ARG A 44 -8.60 -32.87 7.20
N MET A 45 -8.06 -33.93 6.60
CA MET A 45 -8.39 -34.26 5.23
C MET A 45 -9.79 -34.89 5.39
N GLU A 46 -10.72 -34.56 4.50
CA GLU A 46 -12.09 -35.09 4.62
C GLU A 46 -12.62 -35.76 3.38
N PRO A 47 -13.49 -36.75 3.57
CA PRO A 47 -14.10 -37.49 2.48
C PRO A 47 -15.16 -36.65 1.79
N ARG A 48 -15.22 -36.74 0.47
CA ARG A 48 -16.20 -35.99 -0.31
C ARG A 48 -16.89 -36.90 -1.32
N ALA A 49 -16.63 -38.20 -1.19
CA ALA A 49 -17.22 -39.21 -2.05
C ALA A 49 -17.51 -40.43 -1.15
N PRO A 50 -18.67 -41.07 -1.32
CA PRO A 50 -19.04 -42.24 -0.51
C PRO A 50 -18.04 -43.39 -0.47
N TRP A 51 -17.47 -43.73 -1.63
CA TRP A 51 -16.50 -44.83 -1.70
C TRP A 51 -15.15 -44.66 -1.01
N ILE A 52 -14.84 -43.46 -0.52
CA ILE A 52 -13.56 -43.27 0.15
C ILE A 52 -13.75 -43.30 1.66
N GLU A 53 -15.00 -43.20 2.08
CA GLU A 53 -15.32 -43.21 3.51
C GLU A 53 -14.92 -44.51 4.20
N GLN A 54 -14.89 -45.61 3.44
CA GLN A 54 -14.51 -46.91 3.99
C GLN A 54 -13.02 -47.05 4.32
N GLU A 55 -12.22 -46.05 3.95
CA GLU A 55 -10.80 -46.07 4.30
C GLU A 55 -10.77 -45.94 5.82
N GLY A 56 -9.80 -46.57 6.46
CA GLY A 56 -9.73 -46.49 7.91
C GLY A 56 -8.99 -45.28 8.44
N PRO A 57 -8.84 -45.17 9.78
CA PRO A 57 -8.15 -44.05 10.39
C PRO A 57 -6.70 -43.84 9.98
N GLU A 58 -5.98 -44.90 9.65
CA GLU A 58 -4.60 -44.71 9.23
C GLU A 58 -4.55 -43.83 7.97
N TYR A 59 -5.48 -44.07 7.04
CA TYR A 59 -5.56 -43.30 5.80
C TYR A 59 -5.77 -41.82 6.09
N TRP A 60 -6.83 -41.51 6.84
CA TRP A 60 -7.15 -40.14 7.17
C TRP A 60 -6.10 -39.42 8.00
N ASP A 61 -5.51 -40.12 8.95
CA ASP A 61 -4.48 -39.51 9.80
C ASP A 61 -3.28 -39.21 8.91
N GLY A 62 -2.91 -40.18 8.07
CA GLY A 62 -1.79 -39.99 7.18
C GLY A 62 -2.03 -38.86 6.19
N GLU A 63 -3.15 -38.91 5.48
CA GLU A 63 -3.45 -37.87 4.50
C GLU A 63 -3.54 -36.51 5.19
N THR A 64 -4.07 -36.47 6.40
CA THR A 64 -4.20 -35.22 7.12
C THR A 64 -2.80 -34.69 7.44
N ARG A 65 -1.91 -35.59 7.83
CA ARG A 65 -0.53 -35.22 8.17
C ARG A 65 0.22 -34.63 6.97
N LYS A 66 0.17 -35.30 5.83
CA LYS A 66 0.86 -34.81 4.65
C LYS A 66 0.22 -33.56 4.06
N VAL A 67 -1.11 -33.44 4.11
CA VAL A 67 -1.74 -32.26 3.54
C VAL A 67 -1.40 -31.01 4.32
N LYS A 68 -1.25 -31.12 5.64
CA LYS A 68 -0.91 -29.91 6.37
C LYS A 68 0.58 -29.58 6.21
N ALA A 69 1.38 -30.57 5.79
CA ALA A 69 2.80 -30.31 5.53
C ALA A 69 2.84 -29.49 4.25
N HIS A 70 1.94 -29.82 3.32
CA HIS A 70 1.82 -29.11 2.04
C HIS A 70 1.49 -27.64 2.31
N SER A 71 0.52 -27.45 3.21
CA SER A 71 0.04 -26.13 3.59
C SER A 71 1.18 -25.23 4.05
N GLN A 72 2.02 -25.76 4.93
CA GLN A 72 3.15 -24.99 5.45
C GLN A 72 4.12 -24.61 4.34
N THR A 73 4.40 -25.56 3.45
CA THR A 73 5.31 -25.34 2.33
C THR A 73 4.84 -24.18 1.46
N HIS A 74 3.54 -24.14 1.16
CA HIS A 74 3.01 -23.08 0.34
C HIS A 74 2.94 -21.78 1.10
N ARG A 75 3.04 -21.85 2.42
CA ARG A 75 3.02 -20.65 3.23
C ARG A 75 4.43 -20.04 3.16
N VAL A 76 5.45 -20.88 3.08
CA VAL A 76 6.81 -20.36 2.96
C VAL A 76 6.93 -19.83 1.53
N ASP A 77 6.43 -20.62 0.57
CA ASP A 77 6.47 -20.26 -0.83
C ASP A 77 5.99 -18.84 -1.11
N LEU A 78 4.86 -18.47 -0.53
CA LEU A 78 4.32 -17.14 -0.74
C LEU A 78 5.33 -16.04 -0.40
N GLY A 79 6.07 -16.22 0.68
CA GLY A 79 7.05 -15.22 1.07
C GLY A 79 8.22 -15.19 0.11
N THR A 80 8.69 -16.37 -0.26
CA THR A 80 9.81 -16.48 -1.18
C THR A 80 9.51 -15.78 -2.51
N LEU A 81 8.36 -16.08 -3.10
CA LEU A 81 7.98 -15.49 -4.37
C LEU A 81 7.91 -13.96 -4.26
N ARG A 82 7.33 -13.48 -3.16
CA ARG A 82 7.24 -12.04 -2.91
C ARG A 82 8.63 -11.44 -3.05
N GLY A 83 9.60 -12.08 -2.39
CA GLY A 83 10.98 -11.63 -2.47
C GLY A 83 11.51 -11.70 -3.89
N TYR A 84 11.32 -12.86 -4.54
CA TYR A 84 11.80 -13.05 -5.92
C TYR A 84 11.39 -11.92 -6.87
N TYR A 85 10.16 -11.43 -6.72
CA TYR A 85 9.65 -10.36 -7.59
C TYR A 85 9.59 -9.00 -6.96
N ASN A 86 10.22 -8.85 -5.79
CA ASN A 86 10.18 -7.59 -5.09
C ASN A 86 8.80 -6.96 -5.05
N GLN A 87 7.87 -7.65 -4.39
CA GLN A 87 6.52 -7.14 -4.27
C GLN A 87 6.23 -6.66 -2.85
N SER A 88 5.28 -5.74 -2.72
CA SER A 88 4.94 -5.23 -1.39
C SER A 88 4.27 -6.31 -0.57
N GLU A 89 4.43 -6.21 0.74
CA GLU A 89 3.88 -7.19 1.65
C GLU A 89 2.40 -6.95 1.95
N ALA A 90 1.83 -5.91 1.34
CA ALA A 90 0.44 -5.58 1.58
C ALA A 90 -0.52 -6.24 0.57
N GLY A 91 0.00 -6.56 -0.61
CA GLY A 91 -0.82 -7.18 -1.63
C GLY A 91 -1.05 -8.66 -1.47
N SER A 92 -2.26 -9.11 -1.78
CA SER A 92 -2.62 -10.51 -1.69
C SER A 92 -2.15 -11.22 -2.98
N HIS A 93 -1.51 -12.37 -2.82
CA HIS A 93 -1.04 -13.15 -3.96
C HIS A 93 -1.51 -14.60 -3.96
N THR A 94 -1.48 -15.21 -5.15
CA THR A 94 -1.92 -16.59 -5.30
C THR A 94 -0.87 -17.58 -5.85
N VAL A 95 -0.90 -18.79 -5.29
CA VAL A 95 -0.03 -19.87 -5.72
C VAL A 95 -0.93 -21.08 -5.96
N GLN A 96 -0.75 -21.74 -7.10
CA GLN A 96 -1.54 -22.93 -7.40
C GLN A 96 -0.57 -24.03 -7.81
N ARG A 97 -0.90 -25.26 -7.43
CA ARG A 97 -0.08 -26.42 -7.73
C ARG A 97 -1.02 -27.55 -8.11
N MET A 98 -0.69 -28.29 -9.16
CA MET A 98 -1.51 -29.39 -9.58
C MET A 98 -0.65 -30.57 -10.01
N TYR A 99 -1.04 -31.77 -9.61
CA TYR A 99 -0.29 -32.94 -10.04
C TYR A 99 -1.14 -34.18 -10.05
N GLY A 100 -0.74 -35.14 -10.88
CA GLY A 100 -1.47 -36.39 -10.97
C GLY A 100 -0.96 -37.27 -12.10
N CYS A 101 -1.68 -38.35 -12.37
CA CYS A 101 -1.31 -39.28 -13.42
C CYS A 101 -2.48 -39.73 -14.31
N ASP A 102 -2.18 -39.99 -15.58
CA ASP A 102 -3.17 -40.50 -16.52
C ASP A 102 -2.87 -41.98 -16.74
N VAL A 103 -3.91 -42.76 -16.95
CA VAL A 103 -3.79 -44.19 -17.15
C VAL A 103 -4.65 -44.53 -18.37
N GLY A 104 -4.16 -45.45 -19.20
CA GLY A 104 -4.89 -45.82 -20.40
C GLY A 104 -6.07 -46.72 -20.11
N SER A 105 -6.62 -47.35 -21.15
CA SER A 105 -7.75 -48.25 -20.97
C SER A 105 -7.33 -49.52 -20.27
N ASP A 106 -6.04 -49.84 -20.36
CA ASP A 106 -5.49 -51.04 -19.74
C ASP A 106 -5.06 -50.74 -18.29
N TRP A 107 -5.40 -49.52 -17.84
CA TRP A 107 -5.06 -49.04 -16.50
C TRP A 107 -3.55 -48.94 -16.34
N ARG A 108 -2.85 -48.85 -17.46
CA ARG A 108 -1.40 -48.71 -17.45
C ARG A 108 -0.98 -47.23 -17.48
N PHE A 109 0.12 -46.91 -16.79
CA PHE A 109 0.65 -45.54 -16.76
C PHE A 109 0.79 -44.99 -18.18
N LEU A 110 0.23 -43.81 -18.39
CA LEU A 110 0.29 -43.17 -19.69
C LEU A 110 1.10 -41.87 -19.62
N ARG A 111 0.86 -41.08 -18.59
CA ARG A 111 1.55 -39.80 -18.42
C ARG A 111 1.40 -39.24 -17.01
N GLY A 112 2.40 -38.45 -16.61
CA GLY A 112 2.37 -37.83 -15.30
C GLY A 112 2.61 -36.34 -15.42
N TYR A 113 2.15 -35.55 -14.46
CA TYR A 113 2.35 -34.11 -14.50
C TYR A 113 2.46 -33.46 -13.12
N HIS A 114 3.13 -32.32 -13.08
CA HIS A 114 3.35 -31.55 -11.86
C HIS A 114 3.64 -30.11 -12.28
N GLN A 115 2.63 -29.25 -12.15
CA GLN A 115 2.70 -27.84 -12.54
C GLN A 115 2.50 -26.87 -11.39
N TYR A 116 3.03 -25.67 -11.55
CA TYR A 116 2.97 -24.65 -10.52
C TYR A 116 2.72 -23.30 -11.16
N ALA A 117 1.92 -22.46 -10.53
CA ALA A 117 1.63 -21.13 -11.09
C ALA A 117 1.63 -20.04 -10.02
N TYR A 118 2.09 -18.85 -10.38
CA TYR A 118 2.09 -17.72 -9.44
C TYR A 118 1.16 -16.66 -10.01
N ASP A 119 0.20 -16.25 -9.21
CA ASP A 119 -0.81 -15.26 -9.62
C ASP A 119 -1.44 -15.59 -10.98
N GLY A 120 -1.75 -16.86 -11.21
CA GLY A 120 -2.38 -17.26 -12.45
C GLY A 120 -1.51 -17.48 -13.69
N LYS A 121 -0.19 -17.30 -13.58
CA LYS A 121 0.68 -17.53 -14.74
C LYS A 121 1.57 -18.75 -14.49
N ASP A 122 1.87 -19.49 -15.55
CA ASP A 122 2.76 -20.64 -15.45
C ASP A 122 4.04 -20.14 -14.80
N TYR A 123 4.59 -20.94 -13.91
CA TYR A 123 5.81 -20.56 -13.22
C TYR A 123 6.84 -21.64 -13.54
N ILE A 124 6.55 -22.88 -13.17
CA ILE A 124 7.43 -23.99 -13.45
C ILE A 124 6.61 -25.25 -13.62
N ALA A 125 7.04 -26.12 -14.51
CA ALA A 125 6.33 -27.37 -14.75
C ALA A 125 7.25 -28.51 -15.16
N LEU A 126 6.94 -29.70 -14.66
CA LEU A 126 7.73 -30.88 -15.01
C LEU A 126 7.37 -31.27 -16.44
N LYS A 127 8.37 -31.54 -17.26
CA LYS A 127 8.10 -31.90 -18.64
C LYS A 127 7.63 -33.35 -18.73
N GLU A 128 7.12 -33.75 -19.89
CA GLU A 128 6.60 -35.11 -20.02
C GLU A 128 7.58 -36.25 -19.73
N ASP A 129 8.88 -36.02 -19.90
CA ASP A 129 9.86 -37.07 -19.62
C ASP A 129 10.11 -37.26 -18.11
N LEU A 130 9.49 -36.41 -17.30
CA LEU A 130 9.61 -36.47 -15.85
C LEU A 130 11.05 -36.34 -15.35
N ARG A 131 11.93 -35.83 -16.19
CA ARG A 131 13.34 -35.64 -15.83
C ARG A 131 13.76 -34.18 -15.95
N SER A 132 12.97 -33.37 -16.65
CA SER A 132 13.34 -31.96 -16.82
C SER A 132 12.25 -30.94 -16.50
N TRP A 133 12.67 -29.68 -16.38
CA TRP A 133 11.76 -28.60 -16.03
C TRP A 133 11.64 -27.45 -17.04
N THR A 134 10.50 -26.78 -16.99
CA THR A 134 10.22 -25.62 -17.83
C THR A 134 10.11 -24.43 -16.90
N ALA A 135 11.10 -23.56 -16.94
CA ALA A 135 11.11 -22.36 -16.11
C ALA A 135 10.83 -21.22 -17.09
N ALA A 136 9.84 -20.40 -16.78
CA ALA A 136 9.47 -19.30 -17.67
C ALA A 136 10.32 -18.05 -17.41
N ASP A 137 10.51 -17.82 -16.11
CA ASP A 137 11.16 -16.66 -15.54
C ASP A 137 12.61 -16.85 -15.07
N MET A 138 13.20 -15.76 -14.57
CA MET A 138 14.54 -15.80 -13.98
C MET A 138 14.26 -16.34 -12.59
N ALA A 139 13.13 -15.90 -12.03
CA ALA A 139 12.69 -16.35 -10.71
C ALA A 139 12.45 -17.85 -10.78
N ALA A 140 11.76 -18.28 -11.84
CA ALA A 140 11.47 -19.70 -12.01
C ALA A 140 12.77 -20.51 -12.22
N GLN A 141 13.77 -19.93 -12.86
CA GLN A 141 15.04 -20.64 -13.07
C GLN A 141 15.76 -20.86 -11.77
N THR A 142 15.61 -19.92 -10.85
CA THR A 142 16.24 -20.02 -9.54
C THR A 142 15.61 -21.24 -8.85
N THR A 143 14.29 -21.35 -8.93
CA THR A 143 13.57 -22.47 -8.34
C THR A 143 13.99 -23.79 -9.00
N LYS A 144 14.15 -23.75 -10.32
CA LYS A 144 14.54 -24.95 -11.04
C LYS A 144 15.90 -25.46 -10.52
N HIS A 145 16.82 -24.54 -10.27
CA HIS A 145 18.13 -24.95 -9.77
C HIS A 145 17.99 -25.63 -8.40
N LYS A 146 17.17 -25.06 -7.52
CA LYS A 146 16.97 -25.68 -6.21
C LYS A 146 16.49 -27.11 -6.40
N TRP A 147 15.46 -27.24 -7.22
CA TRP A 147 14.85 -28.52 -7.50
C TRP A 147 15.77 -29.54 -8.19
N GLU A 148 16.69 -29.07 -9.01
CA GLU A 148 17.61 -30.00 -9.67
C GLU A 148 18.61 -30.50 -8.64
N ALA A 149 19.08 -29.60 -7.79
CA ALA A 149 20.05 -29.94 -6.75
C ALA A 149 19.46 -30.86 -5.69
N ALA A 150 18.15 -30.74 -5.48
CA ALA A 150 17.48 -31.56 -4.48
C ALA A 150 16.84 -32.83 -5.10
N HIS A 151 17.04 -32.99 -6.40
CA HIS A 151 16.54 -34.17 -7.15
C HIS A 151 15.04 -34.37 -6.93
N VAL A 152 14.32 -33.29 -7.06
CA VAL A 152 12.86 -33.28 -6.89
C VAL A 152 12.19 -34.08 -8.01
N ALA A 153 12.66 -33.89 -9.24
CA ALA A 153 12.11 -34.58 -10.39
C ALA A 153 12.12 -36.09 -10.21
N GLU A 154 13.24 -36.62 -9.70
CA GLU A 154 13.33 -38.06 -9.49
C GLU A 154 12.35 -38.55 -8.45
N GLN A 155 12.11 -37.77 -7.41
CA GLN A 155 11.16 -38.19 -6.39
C GLN A 155 9.76 -38.15 -7.00
N LEU A 156 9.50 -37.12 -7.79
CA LEU A 156 8.21 -36.99 -8.43
C LEU A 156 7.92 -38.15 -9.38
N ARG A 157 8.92 -38.53 -10.16
CA ARG A 157 8.78 -39.63 -11.10
C ARG A 157 8.41 -40.96 -10.42
N ALA A 158 9.02 -41.24 -9.27
CA ALA A 158 8.70 -42.46 -8.54
C ALA A 158 7.24 -42.38 -8.07
N TYR A 159 6.85 -41.23 -7.57
CA TYR A 159 5.47 -41.03 -7.11
C TYR A 159 4.45 -41.17 -8.24
N LEU A 160 4.64 -40.37 -9.30
CA LEU A 160 3.72 -40.36 -10.43
C LEU A 160 3.55 -41.66 -11.20
N GLU A 161 4.64 -42.43 -11.34
CA GLU A 161 4.57 -43.71 -12.05
C GLU A 161 4.31 -44.87 -11.11
N GLY A 162 4.56 -44.67 -9.83
CA GLY A 162 4.34 -45.73 -8.85
C GLY A 162 3.06 -45.58 -8.06
N THR A 163 3.18 -45.02 -6.86
CA THR A 163 2.04 -44.87 -5.99
C THR A 163 0.83 -44.13 -6.60
N CYS A 164 1.05 -43.17 -7.52
CA CYS A 164 -0.07 -42.46 -8.13
C CYS A 164 -0.99 -43.43 -8.89
N VAL A 165 -0.38 -44.19 -9.80
CA VAL A 165 -1.11 -45.17 -10.61
C VAL A 165 -1.72 -46.27 -9.74
N GLU A 166 -0.96 -46.71 -8.74
CA GLU A 166 -1.40 -47.75 -7.83
C GLU A 166 -2.65 -47.40 -7.05
N TRP A 167 -2.70 -46.21 -6.48
CA TRP A 167 -3.88 -45.83 -5.70
C TRP A 167 -5.06 -45.48 -6.59
N LEU A 168 -4.78 -45.05 -7.82
CA LEU A 168 -5.83 -44.75 -8.79
C LEU A 168 -6.57 -46.08 -9.03
N ARG A 169 -5.79 -47.11 -9.36
CA ARG A 169 -6.36 -48.45 -9.58
C ARG A 169 -7.19 -48.91 -8.39
N ARG A 170 -6.64 -48.75 -7.19
CA ARG A 170 -7.35 -49.16 -5.98
C ARG A 170 -8.68 -48.41 -5.89
N TYR A 171 -8.63 -47.09 -6.10
CA TYR A 171 -9.84 -46.27 -6.05
C TYR A 171 -10.86 -46.68 -7.11
N LEU A 172 -10.39 -46.96 -8.32
CA LEU A 172 -11.29 -47.35 -9.41
C LEU A 172 -11.98 -48.64 -9.01
N GLU A 173 -11.21 -49.51 -8.37
CA GLU A 173 -11.72 -50.79 -7.91
C GLU A 173 -12.72 -50.58 -6.77
N ASN A 174 -12.31 -49.91 -5.70
CA ASN A 174 -13.20 -49.68 -4.55
C ASN A 174 -14.45 -48.88 -4.88
N GLY A 175 -14.35 -47.96 -5.83
CA GLY A 175 -15.50 -47.16 -6.18
C GLY A 175 -16.09 -47.52 -7.54
N LYS A 176 -15.91 -48.77 -7.96
CA LYS A 176 -16.40 -49.23 -9.26
C LYS A 176 -17.77 -48.73 -9.70
N GLU A 177 -18.78 -48.93 -8.87
CA GLU A 177 -20.13 -48.50 -9.21
C GLU A 177 -20.25 -47.04 -9.69
N THR A 178 -19.55 -46.14 -9.06
CA THR A 178 -19.65 -44.74 -9.40
C THR A 178 -18.53 -44.32 -10.38
N LEU A 179 -17.29 -44.74 -10.13
CA LEU A 179 -16.17 -44.38 -10.99
C LEU A 179 -16.06 -45.17 -12.30
N GLN A 180 -16.52 -46.40 -12.31
CA GLN A 180 -16.43 -47.20 -13.52
C GLN A 180 -17.70 -47.23 -14.36
N ARG A 181 -18.71 -46.48 -13.95
CA ARG A 181 -19.95 -46.47 -14.71
C ARG A 181 -19.94 -45.40 -15.79
N THR A 182 -20.72 -45.66 -16.83
CA THR A 182 -20.81 -44.76 -17.97
C THR A 182 -22.28 -44.45 -18.24
N ASP A 183 -22.70 -43.23 -17.88
CA ASP A 183 -24.11 -42.83 -18.09
C ASP A 183 -24.23 -42.06 -19.40
N ALA A 184 -24.87 -42.67 -20.40
CA ALA A 184 -25.06 -42.03 -21.69
C ALA A 184 -26.02 -40.85 -21.49
N PRO A 185 -25.84 -39.78 -22.25
CA PRO A 185 -26.71 -38.61 -22.12
C PRO A 185 -28.11 -38.85 -22.61
N LYS A 186 -29.02 -38.27 -21.83
CA LYS A 186 -30.44 -38.23 -22.17
C LYS A 186 -30.60 -36.98 -22.99
N THR A 187 -30.99 -37.15 -24.22
CA THR A 187 -31.04 -36.02 -25.13
C THR A 187 -32.43 -35.65 -25.59
N HIS A 188 -32.59 -34.41 -26.02
CA HIS A 188 -33.86 -33.91 -26.53
C HIS A 188 -33.67 -32.50 -27.09
N MET A 189 -34.66 -32.06 -27.86
CA MET A 189 -34.62 -30.76 -28.53
C MET A 189 -35.77 -29.85 -28.15
N THR A 190 -35.52 -28.55 -28.19
CA THR A 190 -36.55 -27.56 -27.92
C THR A 190 -36.58 -26.59 -29.09
N HIS A 191 -37.75 -26.03 -29.33
CA HIS A 191 -37.98 -25.09 -30.42
C HIS A 191 -38.70 -23.88 -29.82
N HIS A 192 -38.22 -22.68 -30.11
CA HIS A 192 -38.83 -21.49 -29.55
C HIS A 192 -38.84 -20.33 -30.54
N ALA A 193 -40.02 -19.83 -30.87
CA ALA A 193 -40.14 -18.72 -31.82
C ALA A 193 -39.50 -17.48 -31.22
N VAL A 194 -38.50 -16.96 -31.91
CA VAL A 194 -37.79 -15.75 -31.49
C VAL A 194 -38.49 -14.52 -32.04
N SER A 195 -39.05 -14.68 -33.24
CA SER A 195 -39.78 -13.62 -33.94
C SER A 195 -40.69 -14.29 -34.96
N ASP A 196 -41.24 -13.51 -35.88
CA ASP A 196 -42.14 -14.05 -36.91
C ASP A 196 -41.43 -14.88 -37.99
N HIS A 197 -40.13 -14.66 -38.19
CA HIS A 197 -39.40 -15.38 -39.24
C HIS A 197 -38.13 -16.08 -38.77
N GLU A 198 -37.99 -16.27 -37.46
CA GLU A 198 -36.80 -16.93 -36.92
C GLU A 198 -37.16 -17.79 -35.72
N ALA A 199 -36.35 -18.79 -35.44
CA ALA A 199 -36.62 -19.67 -34.32
C ALA A 199 -35.35 -20.31 -33.74
N THR A 200 -35.34 -20.50 -32.43
CA THR A 200 -34.20 -21.12 -31.75
C THR A 200 -34.37 -22.63 -31.58
N LEU A 201 -33.36 -23.38 -31.99
CA LEU A 201 -33.34 -24.83 -31.85
C LEU A 201 -32.25 -25.15 -30.83
N ARG A 202 -32.64 -25.76 -29.72
CA ARG A 202 -31.68 -26.13 -28.69
C ARG A 202 -31.62 -27.65 -28.52
N CYS A 203 -30.39 -28.18 -28.56
CA CYS A 203 -30.15 -29.61 -28.42
C CYS A 203 -29.58 -29.85 -27.02
N TRP A 204 -30.25 -30.70 -26.24
CA TRP A 204 -29.84 -30.99 -24.88
C TRP A 204 -29.19 -32.35 -24.64
N ALA A 205 -28.23 -32.39 -23.72
CA ALA A 205 -27.58 -33.64 -23.32
C ALA A 205 -27.54 -33.60 -21.79
N LEU A 206 -28.32 -34.47 -21.16
CA LEU A 206 -28.41 -34.52 -19.69
C LEU A 206 -27.96 -35.82 -19.00
N SER A 207 -27.65 -35.66 -17.70
CA SER A 207 -27.17 -36.73 -16.82
C SER A 207 -26.25 -37.77 -17.44
N PHE A 208 -25.17 -37.29 -18.04
CA PHE A 208 -24.17 -38.17 -18.61
C PHE A 208 -22.94 -38.16 -17.71
N TYR A 209 -22.14 -39.21 -17.82
CA TYR A 209 -20.89 -39.36 -17.08
C TYR A 209 -20.05 -40.34 -17.88
N PRO A 210 -18.74 -40.04 -18.09
CA PRO A 210 -18.00 -38.86 -17.64
C PRO A 210 -18.40 -37.57 -18.37
N ALA A 211 -17.74 -36.47 -18.01
CA ALA A 211 -18.03 -35.16 -18.58
C ALA A 211 -17.69 -34.95 -20.05
N GLU A 212 -16.71 -35.69 -20.54
CA GLU A 212 -16.25 -35.60 -21.93
C GLU A 212 -17.42 -35.82 -22.88
N ILE A 213 -17.60 -34.93 -23.86
CA ILE A 213 -18.69 -35.08 -24.81
C ILE A 213 -18.51 -34.13 -26.01
N THR A 214 -19.13 -34.47 -27.13
CA THR A 214 -19.08 -33.64 -28.34
C THR A 214 -20.51 -33.44 -28.78
N LEU A 215 -20.95 -32.18 -28.74
CA LEU A 215 -22.32 -31.79 -29.08
C LEU A 215 -22.21 -30.79 -30.23
N THR A 216 -22.85 -31.09 -31.36
CA THR A 216 -22.69 -30.25 -32.52
C THR A 216 -23.94 -30.08 -33.41
N TRP A 217 -24.01 -28.98 -34.17
CA TRP A 217 -25.12 -28.72 -35.12
C TRP A 217 -24.57 -28.62 -36.55
N GLN A 218 -25.35 -29.12 -37.49
CA GLN A 218 -25.01 -29.09 -38.91
C GLN A 218 -26.22 -28.63 -39.72
N ARG A 219 -25.97 -27.97 -40.84
CA ARG A 219 -27.04 -27.54 -41.74
C ARG A 219 -26.66 -28.26 -43.04
N ASP A 220 -27.52 -29.17 -43.49
CA ASP A 220 -27.21 -29.93 -44.70
C ASP A 220 -25.90 -30.69 -44.45
N GLY A 221 -25.73 -31.22 -43.24
CA GLY A 221 -24.54 -31.96 -42.92
C GLY A 221 -23.23 -31.18 -42.82
N GLU A 222 -23.29 -29.86 -42.89
CA GLU A 222 -22.07 -29.06 -42.78
C GLU A 222 -22.01 -28.41 -41.39
N ASP A 223 -20.85 -28.52 -40.79
CA ASP A 223 -20.61 -27.97 -39.46
C ASP A 223 -20.99 -26.49 -39.37
N GLN A 224 -21.61 -26.11 -38.25
CA GLN A 224 -22.07 -24.74 -38.02
C GLN A 224 -21.39 -24.11 -36.80
N THR A 225 -20.14 -24.49 -36.55
CA THR A 225 -19.40 -24.00 -35.40
C THR A 225 -19.56 -22.52 -35.08
N GLN A 226 -19.34 -21.66 -36.05
CA GLN A 226 -19.44 -20.23 -35.80
C GLN A 226 -20.84 -19.68 -35.59
N ASP A 227 -21.86 -20.45 -35.95
CA ASP A 227 -23.22 -19.98 -35.75
C ASP A 227 -23.93 -20.79 -34.67
N THR A 228 -23.15 -21.39 -33.78
CA THR A 228 -23.73 -22.21 -32.73
C THR A 228 -23.46 -21.68 -31.33
N GLU A 229 -24.49 -21.56 -30.50
CA GLU A 229 -24.20 -21.16 -29.13
C GLU A 229 -24.02 -22.47 -28.39
N LEU A 230 -22.82 -22.67 -27.87
CA LEU A 230 -22.44 -23.88 -27.14
C LEU A 230 -22.04 -23.50 -25.73
N VAL A 231 -22.74 -24.00 -24.71
CA VAL A 231 -22.33 -23.67 -23.34
C VAL A 231 -21.30 -24.65 -22.79
N GLU A 232 -20.55 -24.21 -21.79
CA GLU A 232 -19.54 -25.06 -21.19
C GLU A 232 -20.19 -26.18 -20.37
N THR A 233 -19.67 -27.40 -20.52
CA THR A 233 -20.18 -28.57 -19.81
C THR A 233 -20.31 -28.20 -18.34
N ARG A 234 -21.44 -28.53 -17.72
CA ARG A 234 -21.66 -28.14 -16.33
C ARG A 234 -22.13 -29.29 -15.43
N PRO A 235 -21.81 -29.21 -14.12
CA PRO A 235 -22.20 -30.22 -13.12
C PRO A 235 -23.66 -30.09 -12.71
N ALA A 236 -24.38 -31.21 -12.71
CA ALA A 236 -25.77 -31.21 -12.33
C ALA A 236 -25.90 -31.12 -10.81
N GLY A 237 -24.82 -31.47 -10.11
CA GLY A 237 -24.85 -31.44 -8.66
C GLY A 237 -25.06 -32.81 -8.04
N ASP A 238 -25.32 -33.81 -8.86
CA ASP A 238 -25.54 -35.17 -8.38
C ASP A 238 -24.52 -36.15 -8.98
N GLY A 239 -23.40 -35.64 -9.45
CA GLY A 239 -22.40 -36.52 -10.05
C GLY A 239 -22.50 -36.57 -11.57
N THR A 240 -23.63 -36.14 -12.14
CA THR A 240 -23.74 -36.16 -13.61
C THR A 240 -23.48 -34.77 -14.18
N PHE A 241 -23.44 -34.69 -15.49
CA PHE A 241 -23.16 -33.44 -16.17
C PHE A 241 -24.23 -33.10 -17.20
N GLN A 242 -24.20 -31.86 -17.67
CA GLN A 242 -25.15 -31.37 -18.67
C GLN A 242 -24.48 -30.45 -19.66
N LYS A 243 -25.11 -30.27 -20.81
CA LYS A 243 -24.60 -29.37 -21.84
C LYS A 243 -25.63 -29.15 -22.93
N TRP A 244 -25.61 -27.99 -23.57
CA TRP A 244 -26.54 -27.75 -24.68
C TRP A 244 -25.92 -26.89 -25.78
N ALA A 245 -26.42 -27.09 -26.99
CA ALA A 245 -25.97 -26.36 -28.17
C ALA A 245 -27.21 -25.77 -28.89
N ALA A 246 -27.11 -24.52 -29.32
CA ALA A 246 -28.25 -23.88 -29.97
C ALA A 246 -27.90 -23.06 -31.21
N VAL A 247 -28.83 -23.02 -32.14
CA VAL A 247 -28.69 -22.26 -33.38
C VAL A 247 -30.00 -21.58 -33.71
N VAL A 248 -29.89 -20.39 -34.29
CA VAL A 248 -31.08 -19.65 -34.68
C VAL A 248 -31.36 -20.03 -36.12
N VAL A 249 -32.59 -20.51 -36.32
CA VAL A 249 -33.08 -21.02 -37.59
C VAL A 249 -34.14 -20.15 -38.27
N PRO A 250 -33.99 -19.94 -39.59
CA PRO A 250 -34.97 -19.15 -40.33
C PRO A 250 -36.22 -20.00 -40.39
N SER A 251 -37.35 -19.49 -39.94
CA SER A 251 -38.58 -20.28 -39.96
C SER A 251 -38.77 -20.96 -41.32
N GLY A 252 -39.07 -22.26 -41.28
CA GLY A 252 -39.25 -23.02 -42.51
C GLY A 252 -38.04 -23.88 -42.88
N GLN A 253 -36.92 -23.71 -42.18
CA GLN A 253 -35.71 -24.47 -42.49
C GLN A 253 -35.30 -25.46 -41.39
N GLU A 254 -36.19 -25.72 -40.42
CA GLU A 254 -35.85 -26.65 -39.33
C GLU A 254 -35.30 -28.00 -39.79
N GLN A 255 -35.93 -28.57 -40.81
CA GLN A 255 -35.55 -29.88 -41.32
C GLN A 255 -34.12 -30.05 -41.86
N ARG A 256 -33.44 -28.97 -42.23
CA ARG A 256 -32.09 -29.17 -42.74
C ARG A 256 -31.01 -29.17 -41.68
N TYR A 257 -31.41 -29.00 -40.42
CA TYR A 257 -30.45 -29.01 -39.32
C TYR A 257 -30.40 -30.32 -38.53
N THR A 258 -29.20 -30.77 -38.21
CA THR A 258 -29.04 -31.99 -37.42
C THR A 258 -28.14 -31.73 -36.23
N CYS A 259 -28.48 -32.33 -35.11
CA CYS A 259 -27.66 -32.19 -33.91
C CYS A 259 -26.92 -33.51 -33.79
N HIS A 260 -25.62 -33.44 -33.51
CA HIS A 260 -24.83 -34.66 -33.39
C HIS A 260 -24.28 -34.76 -31.98
N VAL A 261 -24.44 -35.95 -31.39
CA VAL A 261 -23.99 -36.20 -30.02
C VAL A 261 -23.03 -37.38 -29.95
N GLN A 262 -21.86 -37.13 -29.39
CA GLN A 262 -20.85 -38.16 -29.22
C GLN A 262 -20.48 -38.29 -27.76
N HIS A 263 -20.54 -39.51 -27.27
CA HIS A 263 -20.21 -39.77 -25.88
C HIS A 263 -19.85 -41.23 -25.67
N GLU A 264 -18.94 -41.46 -24.73
CA GLU A 264 -18.44 -42.79 -24.40
C GLU A 264 -19.56 -43.82 -24.14
N GLY A 265 -20.66 -43.35 -23.55
CA GLY A 265 -21.76 -44.22 -23.22
C GLY A 265 -22.80 -44.48 -24.30
N LEU A 266 -22.55 -43.99 -25.51
CA LEU A 266 -23.47 -44.20 -26.61
C LEU A 266 -22.87 -45.24 -27.55
N PRO A 267 -23.60 -46.33 -27.80
CA PRO A 267 -23.14 -47.41 -28.69
C PRO A 267 -22.81 -46.86 -30.08
N LYS A 268 -23.62 -45.89 -30.53
CA LYS A 268 -23.47 -45.23 -31.82
C LYS A 268 -23.65 -43.72 -31.60
N PRO A 269 -23.00 -42.89 -32.43
CA PRO A 269 -23.13 -41.44 -32.28
C PRO A 269 -24.58 -41.10 -32.66
N LEU A 270 -25.21 -40.21 -31.91
CA LEU A 270 -26.59 -39.82 -32.20
C LEU A 270 -26.72 -38.67 -33.19
N THR A 271 -27.75 -38.76 -34.02
CA THR A 271 -28.08 -37.74 -35.01
C THR A 271 -29.55 -37.39 -34.80
N LEU A 272 -29.81 -36.17 -34.36
CA LEU A 272 -31.19 -35.72 -34.12
C LEU A 272 -31.59 -34.62 -35.11
N ARG A 273 -32.88 -34.57 -35.42
CA ARG A 273 -33.40 -33.56 -36.34
C ARG A 273 -34.80 -33.17 -35.90
N TRP A 274 -35.14 -31.89 -35.93
CA TRP A 274 -36.48 -31.47 -35.53
C TRP A 274 -37.40 -31.86 -36.69
N GLU A 275 -38.46 -32.60 -36.40
CA GLU A 275 -39.37 -33.05 -37.46
C GLU A 275 -40.63 -33.74 -36.91
N MET B 1 -1.93 -7.76 -12.01
CA MET B 1 -1.77 -9.18 -12.36
C MET B 1 -2.95 -9.68 -13.22
N ILE B 2 -2.87 -10.96 -13.59
CA ILE B 2 -3.93 -11.58 -14.37
C ILE B 2 -5.27 -11.45 -13.65
N GLN B 3 -6.29 -11.11 -14.41
CA GLN B 3 -7.64 -10.96 -13.89
C GLN B 3 -8.58 -11.47 -14.98
N ARG B 4 -9.20 -12.62 -14.71
CA ARG B 4 -10.14 -13.22 -15.66
C ARG B 4 -11.56 -13.17 -15.15
N THR B 5 -12.46 -12.78 -16.04
CA THR B 5 -13.85 -12.65 -15.71
C THR B 5 -14.60 -13.98 -15.75
N PRO B 6 -15.44 -14.24 -14.73
CA PRO B 6 -16.24 -15.48 -14.60
C PRO B 6 -17.41 -15.56 -15.52
N LYS B 7 -17.54 -16.78 -16.04
CA LYS B 7 -18.68 -17.18 -16.87
C LYS B 7 -19.75 -17.63 -15.89
N ILE B 8 -20.99 -17.35 -16.19
CA ILE B 8 -22.08 -17.67 -15.27
C ILE B 8 -23.21 -18.42 -15.97
N GLN B 9 -23.64 -19.48 -15.32
CA GLN B 9 -24.73 -20.33 -15.80
C GLN B 9 -25.71 -20.64 -14.66
N VAL B 10 -26.96 -20.25 -14.83
CA VAL B 10 -27.99 -20.50 -13.83
C VAL B 10 -28.86 -21.57 -14.44
N TYR B 11 -29.07 -22.67 -13.70
CA TYR B 11 -29.87 -23.77 -14.23
C TYR B 11 -30.33 -24.70 -13.11
N SER B 12 -31.24 -25.60 -13.42
CA SER B 12 -31.73 -26.57 -12.44
C SER B 12 -31.05 -27.92 -12.66
N ARG B 13 -30.94 -28.71 -11.58
CA ARG B 13 -30.31 -30.03 -11.68
C ARG B 13 -31.13 -30.97 -12.55
N HIS B 14 -32.44 -30.89 -12.41
CA HIS B 14 -33.34 -31.74 -13.20
C HIS B 14 -34.26 -30.80 -13.98
N PRO B 15 -34.93 -31.32 -15.01
CA PRO B 15 -35.85 -30.51 -15.81
C PRO B 15 -36.90 -29.92 -14.85
N ALA B 16 -37.20 -28.64 -15.00
CA ALA B 16 -38.16 -27.97 -14.13
C ALA B 16 -39.63 -28.38 -14.32
N GLU B 17 -40.22 -28.87 -13.24
CA GLU B 17 -41.63 -29.25 -13.24
C GLU B 17 -42.22 -28.54 -12.03
N ASN B 18 -43.15 -27.63 -12.28
CA ASN B 18 -43.77 -26.89 -11.19
C ASN B 18 -44.39 -27.83 -10.16
N GLY B 19 -44.09 -27.57 -8.89
CA GLY B 19 -44.60 -28.41 -7.82
C GLY B 19 -43.64 -29.49 -7.37
N LYS B 20 -42.61 -29.78 -8.16
CA LYS B 20 -41.65 -30.82 -7.80
C LYS B 20 -40.34 -30.22 -7.28
N SER B 21 -39.81 -30.78 -6.19
CA SER B 21 -38.57 -30.27 -5.61
C SER B 21 -37.41 -30.53 -6.55
N ASN B 22 -36.44 -29.65 -6.52
CA ASN B 22 -35.31 -29.70 -7.44
C ASN B 22 -34.13 -28.96 -6.78
N PHE B 23 -33.09 -28.71 -7.57
CA PHE B 23 -31.94 -27.95 -7.07
C PHE B 23 -31.67 -26.85 -8.10
N LEU B 24 -31.46 -25.64 -7.61
CA LEU B 24 -31.15 -24.51 -8.48
C LEU B 24 -29.65 -24.32 -8.40
N ASN B 25 -29.00 -24.30 -9.57
CA ASN B 25 -27.56 -24.12 -9.59
C ASN B 25 -27.07 -22.83 -10.22
N CYS B 26 -25.91 -22.40 -9.76
CA CYS B 26 -25.23 -21.28 -10.36
C CYS B 26 -23.78 -21.70 -10.44
N TYR B 27 -23.32 -21.92 -11.66
CA TYR B 27 -21.96 -22.35 -11.89
C TYR B 27 -21.10 -21.22 -12.42
N VAL B 28 -20.03 -20.87 -11.68
CA VAL B 28 -19.12 -19.81 -12.12
C VAL B 28 -17.75 -20.44 -12.44
N SER B 29 -17.18 -20.03 -13.57
CA SER B 29 -15.89 -20.59 -13.99
C SER B 29 -15.05 -19.63 -14.83
N GLY B 30 -13.82 -20.06 -15.09
CA GLY B 30 -12.89 -19.29 -15.90
C GLY B 30 -12.42 -17.98 -15.28
N PHE B 31 -12.57 -17.82 -13.97
CA PHE B 31 -12.17 -16.57 -13.34
C PHE B 31 -10.89 -16.59 -12.50
N HIS B 32 -10.35 -15.40 -12.24
CA HIS B 32 -9.12 -15.24 -11.47
C HIS B 32 -8.99 -13.75 -11.14
N PRO B 33 -8.62 -13.42 -9.89
CA PRO B 33 -8.32 -14.37 -8.81
C PRO B 33 -9.57 -15.06 -8.20
N SER B 34 -9.39 -15.79 -7.11
CA SER B 34 -10.46 -16.58 -6.52
C SER B 34 -11.50 -15.90 -5.62
N ASP B 35 -11.30 -14.67 -5.16
CA ASP B 35 -12.36 -14.03 -4.34
C ASP B 35 -13.51 -13.73 -5.27
N ILE B 36 -14.70 -14.16 -4.87
CA ILE B 36 -15.89 -13.95 -5.68
C ILE B 36 -17.11 -14.08 -4.76
N GLU B 37 -18.08 -13.20 -4.93
CA GLU B 37 -19.30 -13.27 -4.14
C GLU B 37 -20.34 -13.81 -5.11
N VAL B 38 -21.07 -14.84 -4.69
CA VAL B 38 -22.11 -15.47 -5.49
C VAL B 38 -23.38 -15.66 -4.66
N ASP B 39 -24.51 -15.17 -5.16
CA ASP B 39 -25.79 -15.31 -4.45
C ASP B 39 -26.91 -15.76 -5.36
N LEU B 40 -27.85 -16.53 -4.81
CA LEU B 40 -29.01 -16.98 -5.58
C LEU B 40 -30.19 -16.16 -5.06
N LEU B 41 -31.08 -15.75 -5.97
CA LEU B 41 -32.22 -14.92 -5.57
C LEU B 41 -33.58 -15.48 -5.98
N LYS B 42 -34.54 -15.29 -5.08
CA LYS B 42 -35.92 -15.73 -5.31
C LYS B 42 -36.79 -14.49 -5.30
N ASN B 43 -37.24 -14.08 -6.48
CA ASN B 43 -38.07 -12.90 -6.63
C ASN B 43 -37.32 -11.67 -6.12
N GLY B 44 -36.04 -11.59 -6.49
CA GLY B 44 -35.18 -10.49 -6.09
C GLY B 44 -34.60 -10.56 -4.69
N GLU B 45 -34.89 -11.63 -3.97
CA GLU B 45 -34.42 -11.79 -2.59
C GLU B 45 -33.31 -12.83 -2.40
N ARG B 46 -32.30 -12.48 -1.63
CA ARG B 46 -31.17 -13.37 -1.38
C ARG B 46 -31.60 -14.63 -0.63
N ILE B 47 -31.34 -15.79 -1.22
CA ILE B 47 -31.67 -17.05 -0.57
C ILE B 47 -30.57 -17.36 0.45
N GLU B 48 -30.95 -17.57 1.71
CA GLU B 48 -29.95 -17.79 2.75
C GLU B 48 -29.31 -19.18 2.85
N LYS B 49 -30.03 -20.22 2.47
CA LYS B 49 -29.45 -21.55 2.59
C LYS B 49 -28.80 -21.97 1.27
N VAL B 50 -27.61 -21.46 1.01
CA VAL B 50 -26.91 -21.78 -0.23
C VAL B 50 -25.54 -22.40 0.00
N GLU B 51 -25.29 -23.55 -0.59
CA GLU B 51 -23.99 -24.18 -0.41
C GLU B 51 -23.21 -24.10 -1.72
N HIS B 52 -21.92 -24.43 -1.64
CA HIS B 52 -21.06 -24.37 -2.82
C HIS B 52 -19.97 -25.43 -2.76
N SER B 53 -19.50 -25.85 -3.95
CA SER B 53 -18.45 -26.85 -4.05
C SER B 53 -17.13 -26.31 -3.50
N ASP B 54 -16.15 -27.21 -3.34
CA ASP B 54 -14.84 -26.83 -2.84
C ASP B 54 -14.07 -26.20 -4.00
N LEU B 55 -13.32 -25.15 -3.70
CA LEU B 55 -12.54 -24.43 -4.71
C LEU B 55 -11.57 -25.31 -5.49
N SER B 56 -11.66 -25.24 -6.82
CA SER B 56 -10.79 -26.01 -7.71
C SER B 56 -10.55 -25.20 -9.00
N PHE B 57 -9.72 -25.73 -9.90
CA PHE B 57 -9.39 -25.03 -11.14
C PHE B 57 -9.11 -25.91 -12.35
N SER B 58 -9.19 -25.31 -13.53
CA SER B 58 -8.95 -26.00 -14.80
C SER B 58 -7.48 -26.02 -15.15
N LYS B 59 -7.16 -26.57 -16.32
CA LYS B 59 -5.78 -26.67 -16.77
C LYS B 59 -5.10 -25.31 -16.98
N ASP B 60 -5.89 -24.30 -17.34
CA ASP B 60 -5.33 -22.95 -17.55
C ASP B 60 -5.25 -22.16 -16.25
N TRP B 61 -5.45 -22.86 -15.14
CA TRP B 61 -5.38 -22.31 -13.78
C TRP B 61 -6.61 -21.50 -13.34
N SER B 62 -7.55 -21.26 -14.23
CA SER B 62 -8.73 -20.50 -13.85
C SER B 62 -9.66 -21.30 -12.90
N PHE B 63 -10.29 -20.59 -11.98
CA PHE B 63 -11.17 -21.21 -10.99
C PHE B 63 -12.62 -21.52 -11.39
N TYR B 64 -13.23 -22.45 -10.67
CA TYR B 64 -14.62 -22.81 -10.90
C TYR B 64 -15.27 -23.28 -9.60
N LEU B 65 -16.53 -22.87 -9.41
CA LEU B 65 -17.30 -23.18 -8.20
C LEU B 65 -18.77 -23.40 -8.55
N LEU B 66 -19.43 -24.26 -7.80
CA LEU B 66 -20.85 -24.53 -8.00
C LEU B 66 -21.62 -24.16 -6.72
N TYR B 67 -22.48 -23.16 -6.82
CA TYR B 67 -23.33 -22.76 -5.70
C TYR B 67 -24.66 -23.40 -6.03
N TYR B 68 -25.38 -23.84 -5.02
CA TYR B 68 -26.62 -24.55 -5.28
C TYR B 68 -27.56 -24.58 -4.08
N THR B 69 -28.86 -24.68 -4.33
CA THR B 69 -29.82 -24.76 -3.26
C THR B 69 -31.09 -25.51 -3.67
N GLU B 70 -31.73 -26.15 -2.70
CA GLU B 70 -32.96 -26.91 -2.94
C GLU B 70 -34.06 -25.92 -3.28
N PHE B 71 -34.95 -26.29 -4.19
CA PHE B 71 -36.06 -25.43 -4.52
C PHE B 71 -37.18 -26.16 -5.28
N THR B 72 -38.37 -25.59 -5.22
CA THR B 72 -39.52 -26.14 -5.89
C THR B 72 -40.05 -25.10 -6.87
N PRO B 73 -39.67 -25.23 -8.15
CA PRO B 73 -40.12 -24.28 -9.17
C PRO B 73 -41.63 -24.09 -9.18
N THR B 74 -42.02 -22.94 -9.69
CA THR B 74 -43.41 -22.55 -9.74
C THR B 74 -43.60 -21.80 -11.05
N GLU B 75 -44.86 -21.56 -11.45
CA GLU B 75 -45.08 -20.84 -12.70
C GLU B 75 -44.67 -19.37 -12.58
N LYS B 76 -44.95 -18.77 -11.43
CA LYS B 76 -44.67 -17.36 -11.25
C LYS B 76 -43.37 -16.99 -10.55
N ASP B 77 -42.77 -17.89 -9.78
CA ASP B 77 -41.53 -17.52 -9.11
C ASP B 77 -40.37 -17.26 -10.06
N GLU B 78 -39.64 -16.20 -9.75
CA GLU B 78 -38.49 -15.72 -10.51
C GLU B 78 -37.18 -16.00 -9.75
N TYR B 79 -36.19 -16.58 -10.42
CA TYR B 79 -34.93 -16.85 -9.75
C TYR B 79 -33.77 -16.28 -10.55
N ALA B 80 -32.69 -15.94 -9.85
CA ALA B 80 -31.54 -15.39 -10.52
C ALA B 80 -30.26 -15.58 -9.72
N CYS B 81 -29.14 -15.43 -10.40
CA CYS B 81 -27.87 -15.55 -9.75
C CYS B 81 -27.18 -14.19 -9.84
N ARG B 82 -26.63 -13.72 -8.72
CA ARG B 82 -25.93 -12.44 -8.74
C ARG B 82 -24.48 -12.68 -8.37
N VAL B 83 -23.59 -12.20 -9.22
CA VAL B 83 -22.17 -12.39 -9.01
C VAL B 83 -21.34 -11.12 -9.00
N ASN B 84 -20.37 -11.05 -8.09
CA ASN B 84 -19.47 -9.92 -8.11
C ASN B 84 -18.05 -10.43 -8.02
N HIS B 85 -17.16 -9.72 -8.68
CA HIS B 85 -15.75 -10.09 -8.78
C HIS B 85 -15.01 -8.83 -9.22
N VAL B 86 -13.69 -8.79 -9.00
CA VAL B 86 -12.91 -7.59 -9.35
C VAL B 86 -12.96 -7.19 -10.82
N THR B 87 -13.39 -8.11 -11.68
CA THR B 87 -13.48 -7.83 -13.10
C THR B 87 -14.82 -7.23 -13.56
N LEU B 88 -15.72 -6.97 -12.63
CA LEU B 88 -17.04 -6.41 -12.95
C LEU B 88 -17.25 -5.05 -12.32
N SER B 89 -17.71 -4.08 -13.10
CA SER B 89 -17.93 -2.74 -12.54
C SER B 89 -19.04 -2.84 -11.48
N GLN B 90 -20.05 -3.64 -11.79
CA GLN B 90 -21.19 -3.87 -10.90
C GLN B 90 -21.56 -5.34 -10.82
N PRO B 91 -22.42 -5.70 -9.86
CA PRO B 91 -22.83 -7.09 -9.72
C PRO B 91 -23.50 -7.55 -11.01
N LYS B 92 -23.08 -8.70 -11.55
CA LYS B 92 -23.70 -9.19 -12.76
C LYS B 92 -24.84 -10.12 -12.37
N ILE B 93 -26.02 -9.82 -12.87
CA ILE B 93 -27.20 -10.61 -12.57
C ILE B 93 -27.72 -11.32 -13.81
N VAL B 94 -27.89 -12.62 -13.71
CA VAL B 94 -28.44 -13.37 -14.84
C VAL B 94 -29.60 -14.21 -14.30
N LYS B 95 -30.74 -14.05 -14.95
CA LYS B 95 -31.97 -14.71 -14.60
C LYS B 95 -32.01 -16.16 -15.00
N TRP B 96 -32.78 -16.93 -14.25
CA TRP B 96 -32.96 -18.34 -14.52
C TRP B 96 -34.02 -18.48 -15.59
N ASP B 97 -33.70 -19.29 -16.59
CA ASP B 97 -34.60 -19.56 -17.71
C ASP B 97 -34.66 -21.08 -17.77
N ARG B 98 -35.82 -21.67 -17.50
CA ARG B 98 -35.92 -23.12 -17.49
C ARG B 98 -35.51 -23.84 -18.79
N ASP B 99 -35.50 -23.12 -19.91
CA ASP B 99 -35.10 -23.75 -21.18
C ASP B 99 -33.61 -23.52 -21.45
N MET B 100 -32.84 -23.15 -20.44
CA MET B 100 -31.41 -22.89 -20.63
C MET B 100 -30.47 -23.40 -19.53
N ILE C 1 -3.65 -41.41 -3.01
CA ILE C 1 -3.12 -40.56 -1.92
C ILE C 1 -2.21 -39.43 -2.38
N ILE C 2 -1.96 -38.53 -1.47
CA ILE C 2 -1.14 -37.37 -1.69
C ILE C 2 0.35 -37.67 -1.72
N SER C 3 1.12 -36.90 -2.50
CA SER C 3 2.56 -37.10 -2.56
C SER C 3 3.25 -36.65 -1.28
N ALA C 4 4.37 -37.30 -0.99
CA ALA C 4 5.15 -36.97 0.20
C ALA C 4 6.23 -35.96 -0.16
N VAL C 5 6.42 -35.74 -1.44
CA VAL C 5 7.41 -34.77 -1.88
C VAL C 5 6.69 -33.43 -1.86
N VAL C 6 7.44 -32.38 -1.70
CA VAL C 6 6.88 -31.03 -1.72
C VAL C 6 8.07 -30.12 -1.62
N GLY C 7 8.64 -29.81 -2.78
CA GLY C 7 9.82 -28.98 -2.84
C GLY C 7 9.50 -27.51 -2.72
N ILE C 8 10.20 -26.86 -1.81
CA ILE C 8 10.05 -25.44 -1.60
C ILE C 8 10.55 -24.68 -2.82
N LEU C 9 9.91 -23.57 -3.15
CA LEU C 9 10.32 -22.74 -4.29
C LEU C 9 11.57 -21.94 -3.98
N GLY D 1 3.85 46.69 18.53
CA GLY D 1 4.35 45.32 18.83
C GLY D 1 5.85 45.25 18.97
N SER D 2 6.34 44.22 19.67
CA SER D 2 7.76 44.00 19.87
C SER D 2 8.41 43.43 18.60
N HIS D 3 9.70 43.69 18.44
CA HIS D 3 10.43 43.20 17.26
C HIS D 3 11.85 42.80 17.57
N SER D 4 12.42 41.99 16.68
CA SER D 4 13.79 41.55 16.84
C SER D 4 14.45 41.28 15.51
N MET D 5 15.77 41.36 15.50
CA MET D 5 16.56 41.04 14.31
C MET D 5 17.60 40.04 14.81
N ARG D 6 17.72 38.91 14.12
CA ARG D 6 18.67 37.89 14.55
C ARG D 6 19.46 37.26 13.40
N TYR D 7 20.74 37.01 13.66
CA TYR D 7 21.63 36.39 12.67
C TYR D 7 22.08 35.00 13.14
N PHE D 8 22.04 34.04 12.22
CA PHE D 8 22.43 32.67 12.56
C PHE D 8 23.55 32.18 11.67
N PHE D 9 24.58 31.64 12.32
CA PHE D 9 25.76 31.14 11.64
C PHE D 9 26.06 29.68 12.01
N THR D 10 26.14 28.82 11.00
CA THR D 10 26.47 27.42 11.23
C THR D 10 27.74 27.09 10.43
N SER D 11 28.69 26.45 11.11
CA SER D 11 29.96 26.06 10.52
C SER D 11 30.12 24.56 10.79
N VAL D 12 30.37 23.77 9.75
CA VAL D 12 30.53 22.31 9.90
C VAL D 12 31.78 21.78 9.19
N SER D 13 32.65 21.10 9.94
CA SER D 13 33.87 20.56 9.34
C SER D 13 33.61 19.28 8.55
N ARG D 14 34.38 19.11 7.48
CA ARG D 14 34.29 17.96 6.57
C ARG D 14 35.68 17.38 6.29
N PRO D 15 36.26 16.66 7.26
CA PRO D 15 37.60 16.07 7.10
C PRO D 15 37.74 15.22 5.83
N GLY D 16 38.61 15.65 4.92
CA GLY D 16 38.81 14.91 3.69
C GLY D 16 37.93 15.33 2.51
N ARG D 17 36.90 16.13 2.76
CA ARG D 17 36.01 16.56 1.68
C ARG D 17 36.10 18.08 1.48
N GLY D 18 37.29 18.64 1.70
CA GLY D 18 37.48 20.07 1.51
C GLY D 18 37.13 20.96 2.68
N GLU D 19 37.02 22.26 2.42
CA GLU D 19 36.68 23.25 3.43
C GLU D 19 35.38 22.96 4.18
N PRO D 20 35.26 23.54 5.39
CA PRO D 20 34.05 23.33 6.18
C PRO D 20 32.88 24.11 5.56
N ARG D 21 31.68 23.62 5.77
CA ARG D 21 30.48 24.27 5.25
C ARG D 21 30.14 25.45 6.17
N PHE D 22 29.83 26.59 5.58
CA PHE D 22 29.47 27.76 6.37
C PHE D 22 28.16 28.30 5.77
N ILE D 23 27.17 28.45 6.63
CA ILE D 23 25.85 28.94 6.23
C ILE D 23 25.45 30.05 7.16
N ALA D 24 24.95 31.14 6.60
CA ALA D 24 24.48 32.26 7.42
C ALA D 24 23.11 32.71 6.92
N VAL D 25 22.20 32.98 7.84
CA VAL D 25 20.87 33.48 7.50
C VAL D 25 20.47 34.60 8.44
N GLY D 26 19.70 35.55 7.94
CA GLY D 26 19.26 36.65 8.76
C GLY D 26 17.74 36.72 8.84
N TYR D 27 17.24 37.10 10.01
CA TYR D 27 15.81 37.20 10.21
C TYR D 27 15.43 38.51 10.89
N VAL D 28 14.20 38.88 10.62
CA VAL D 28 13.51 40.00 11.25
C VAL D 28 12.19 39.42 11.72
N ASP D 29 12.07 39.27 13.01
CA ASP D 29 10.92 38.59 13.56
C ASP D 29 10.93 37.20 12.93
N ASP D 30 9.84 36.77 12.33
CA ASP D 30 9.84 35.43 11.74
C ASP D 30 10.04 35.41 10.23
N THR D 31 10.53 36.50 9.66
CA THR D 31 10.76 36.58 8.23
C THR D 31 12.27 36.60 7.94
N GLN D 32 12.74 35.65 7.13
CA GLN D 32 14.16 35.59 6.77
C GLN D 32 14.39 36.61 5.65
N PHE D 33 15.52 37.30 5.65
CA PHE D 33 15.77 38.27 4.58
C PHE D 33 17.10 38.16 3.81
N VAL D 34 18.12 37.50 4.38
CA VAL D 34 19.39 37.30 3.65
C VAL D 34 19.97 35.91 3.92
N ARG D 35 20.99 35.53 3.15
CA ARG D 35 21.67 34.24 3.31
C ARG D 35 23.01 34.23 2.58
N PHE D 36 23.89 33.35 3.03
CA PHE D 36 25.20 33.14 2.43
C PHE D 36 25.45 31.64 2.61
N ASP D 37 25.92 31.01 1.56
CA ASP D 37 26.20 29.58 1.62
C ASP D 37 27.54 29.34 0.92
N SER D 38 28.54 28.93 1.70
CA SER D 38 29.89 28.68 1.18
C SER D 38 29.90 27.72 -0.01
N ASP D 39 28.96 26.78 -0.03
CA ASP D 39 28.89 25.83 -1.13
C ASP D 39 28.16 26.38 -2.35
N ALA D 40 27.57 27.57 -2.22
CA ALA D 40 26.85 28.16 -3.34
C ALA D 40 27.80 28.74 -4.38
N ALA D 41 27.29 28.89 -5.59
CA ALA D 41 28.07 29.40 -6.72
C ALA D 41 28.41 30.90 -6.68
N SER D 42 27.47 31.73 -6.24
CA SER D 42 27.68 33.18 -6.20
C SER D 42 28.77 33.69 -5.29
N GLN D 43 28.90 33.05 -4.12
CA GLN D 43 29.87 33.46 -3.11
C GLN D 43 29.52 34.85 -2.61
N ARG D 44 28.23 35.14 -2.51
CA ARG D 44 27.77 36.46 -2.07
C ARG D 44 26.61 36.38 -1.09
N MET D 45 26.37 37.48 -0.40
CA MET D 45 25.24 37.53 0.50
C MET D 45 24.04 37.72 -0.46
N GLU D 46 22.94 37.02 -0.21
CA GLU D 46 21.80 37.12 -1.12
C GLU D 46 20.48 37.46 -0.47
N PRO D 47 19.61 38.16 -1.21
CA PRO D 47 18.29 38.56 -0.72
C PRO D 47 17.37 37.36 -0.67
N ARG D 48 16.54 37.29 0.36
CA ARG D 48 15.60 36.18 0.52
C ARG D 48 14.22 36.74 0.90
N ALA D 49 14.08 38.06 0.81
CA ALA D 49 12.83 38.75 1.10
C ALA D 49 12.72 39.90 0.09
N PRO D 50 11.53 40.13 -0.49
CA PRO D 50 11.34 41.21 -1.48
C PRO D 50 11.77 42.61 -1.07
N TRP D 51 11.47 42.98 0.17
CA TRP D 51 11.81 44.31 0.65
C TRP D 51 13.29 44.63 0.85
N ILE D 52 14.18 43.65 0.75
CA ILE D 52 15.60 43.93 0.95
C ILE D 52 16.29 44.06 -0.40
N GLU D 53 15.60 43.60 -1.45
CA GLU D 53 16.15 43.67 -2.80
C GLU D 53 16.42 45.10 -3.27
N GLN D 54 15.69 46.07 -2.72
CA GLN D 54 15.87 47.46 -3.10
C GLN D 54 17.16 48.10 -2.56
N GLU D 55 17.88 47.36 -1.71
CA GLU D 55 19.15 47.86 -1.20
C GLU D 55 20.08 47.89 -2.42
N GLY D 56 20.98 48.87 -2.47
CA GLY D 56 21.87 48.97 -3.61
C GLY D 56 23.11 48.11 -3.53
N PRO D 57 24.00 48.17 -4.54
CA PRO D 57 25.23 47.38 -4.55
C PRO D 57 26.17 47.60 -3.36
N GLU D 58 26.21 48.79 -2.78
CA GLU D 58 27.10 49.00 -1.64
C GLU D 58 26.70 48.07 -0.49
N TYR D 59 25.40 47.90 -0.28
CA TYR D 59 24.88 47.03 0.78
C TYR D 59 25.33 45.59 0.55
N TRP D 60 25.03 45.04 -0.63
CA TRP D 60 25.41 43.68 -0.94
C TRP D 60 26.91 43.41 -0.98
N ASP D 61 27.68 44.37 -1.50
CA ASP D 61 29.13 44.19 -1.56
C ASP D 61 29.65 44.18 -0.12
N GLY D 62 29.15 45.12 0.69
CA GLY D 62 29.58 45.22 2.07
C GLY D 62 29.20 43.99 2.88
N GLU D 63 27.93 43.61 2.82
CA GLU D 63 27.48 42.43 3.54
C GLU D 63 28.21 41.19 3.06
N THR D 64 28.49 41.12 1.77
CA THR D 64 29.20 39.97 1.22
C THR D 64 30.61 39.93 1.79
N ARG D 65 31.25 41.09 1.87
CA ARG D 65 32.61 41.21 2.40
C ARG D 65 32.71 40.77 3.87
N LYS D 66 31.81 41.27 4.71
CA LYS D 66 31.83 40.90 6.13
C LYS D 66 31.40 39.45 6.39
N VAL D 67 30.44 38.94 5.61
CA VAL D 67 30.02 37.56 5.83
C VAL D 67 31.11 36.56 5.49
N LYS D 68 31.93 36.85 4.50
CA LYS D 68 32.98 35.89 4.19
C LYS D 68 34.13 36.04 5.19
N ALA D 69 34.19 37.17 5.89
CA ALA D 69 35.23 37.34 6.92
C ALA D 69 34.79 36.46 8.08
N HIS D 70 33.48 36.39 8.32
CA HIS D 70 32.90 35.55 9.37
C HIS D 70 33.26 34.09 9.10
N SER D 71 33.08 33.70 7.84
CA SER D 71 33.33 32.34 7.38
C SER D 71 34.75 31.89 7.73
N GLN D 72 35.72 32.74 7.43
CA GLN D 72 37.11 32.42 7.70
C GLN D 72 37.37 32.26 9.19
N THR D 73 36.78 33.15 9.98
CA THR D 73 36.93 33.10 11.43
C THR D 73 36.44 31.78 12.00
N HIS D 74 35.29 31.32 11.53
CA HIS D 74 34.75 30.05 12.01
C HIS D 74 35.54 28.88 11.48
N ARG D 75 36.31 29.12 10.43
CA ARG D 75 37.14 28.07 9.87
C ARG D 75 38.37 27.91 10.78
N VAL D 76 38.85 29.01 11.33
CA VAL D 76 39.97 28.93 12.25
C VAL D 76 39.45 28.33 13.55
N ASP D 77 38.28 28.81 13.98
CA ASP D 77 37.63 28.34 15.19
C ASP D 77 37.56 26.83 15.28
N LEU D 78 37.11 26.18 14.21
CA LEU D 78 37.00 24.73 14.21
C LEU D 78 38.32 24.04 14.60
N GLY D 79 39.44 24.55 14.09
CA GLY D 79 40.73 23.97 14.41
C GLY D 79 41.10 24.20 15.87
N THR D 80 40.89 25.42 16.33
CA THR D 80 41.21 25.78 17.71
C THR D 80 40.45 24.89 18.70
N LEU D 81 39.14 24.76 18.51
CA LEU D 81 38.31 23.95 19.40
C LEU D 81 38.79 22.51 19.41
N ARG D 82 39.13 21.98 18.23
CA ARG D 82 39.63 20.62 18.11
C ARG D 82 40.81 20.48 19.07
N GLY D 83 41.73 21.45 19.01
CA GLY D 83 42.87 21.43 19.89
C GLY D 83 42.47 21.53 21.35
N TYR D 84 41.60 22.48 21.68
CA TYR D 84 41.12 22.67 23.06
C TYR D 84 40.63 21.38 23.72
N TYR D 85 39.95 20.54 22.93
CA TYR D 85 39.41 19.29 23.47
C TYR D 85 40.13 18.06 23.04
N ASN D 86 41.31 18.23 22.45
CA ASN D 86 42.06 17.08 22.00
C ASN D 86 41.22 16.08 21.22
N GLN D 87 40.68 16.51 20.09
CA GLN D 87 39.87 15.62 19.29
C GLN D 87 40.59 15.22 18.02
N SER D 88 40.23 14.07 17.47
CA SER D 88 40.87 13.62 16.25
C SER D 88 40.46 14.52 15.09
N GLU D 89 41.34 14.60 14.11
CA GLU D 89 41.12 15.43 12.95
C GLU D 89 40.23 14.77 11.89
N ALA D 90 39.80 13.55 12.17
CA ALA D 90 38.95 12.82 11.23
C ALA D 90 37.46 13.06 11.47
N GLY D 91 37.09 13.42 12.69
CA GLY D 91 35.70 13.63 13.02
C GLY D 91 35.15 15.00 12.62
N SER D 92 33.90 14.99 12.13
CA SER D 92 33.22 16.21 11.74
C SER D 92 32.65 16.91 12.98
N HIS D 93 32.88 18.22 13.10
CA HIS D 93 32.35 18.97 14.24
C HIS D 93 31.55 20.20 13.83
N THR D 94 30.72 20.66 14.77
CA THR D 94 29.85 21.81 14.54
C THR D 94 30.03 23.02 15.47
N VAL D 95 29.97 24.20 14.86
CA VAL D 95 30.04 25.45 15.59
C VAL D 95 28.83 26.28 15.17
N GLN D 96 28.12 26.85 16.14
CA GLN D 96 26.97 27.70 15.84
C GLN D 96 27.15 29.01 16.61
N ARG D 97 26.75 30.10 15.98
CA ARG D 97 26.83 31.42 16.59
C ARG D 97 25.52 32.14 16.28
N MET D 98 24.98 32.84 17.25
CA MET D 98 23.74 33.60 17.04
C MET D 98 23.78 34.92 17.77
N TYR D 99 23.36 35.98 17.10
CA TYR D 99 23.32 37.28 17.74
C TYR D 99 22.24 38.17 17.16
N GLY D 100 21.80 39.12 17.97
CA GLY D 100 20.78 40.07 17.53
C GLY D 100 20.28 40.94 18.65
N CYS D 101 19.24 41.72 18.37
CA CYS D 101 18.67 42.62 19.35
C CYS D 101 17.14 42.61 19.37
N ASP D 102 16.58 42.82 20.57
CA ASP D 102 15.13 42.89 20.73
C ASP D 102 14.78 44.35 20.92
N VAL D 103 13.62 44.73 20.43
CA VAL D 103 13.15 46.10 20.54
C VAL D 103 11.70 46.03 21.06
N GLY D 104 11.33 46.98 21.93
CA GLY D 104 9.98 46.99 22.47
C GLY D 104 8.95 47.52 21.48
N SER D 105 7.74 47.81 21.96
CA SER D 105 6.68 48.32 21.10
C SER D 105 6.99 49.74 20.64
N ASP D 106 7.84 50.41 21.40
CA ASP D 106 8.26 51.78 21.10
C ASP D 106 9.47 51.80 20.18
N TRP D 107 9.92 50.62 19.75
CA TRP D 107 11.09 50.52 18.86
C TRP D 107 12.39 50.93 19.53
N ARG D 108 12.42 50.96 20.86
CA ARG D 108 13.64 51.29 21.57
C ARG D 108 14.25 49.98 22.10
N PHE D 109 15.56 49.95 22.13
CA PHE D 109 16.35 48.81 22.59
C PHE D 109 15.84 48.19 23.87
N LEU D 110 15.63 46.88 23.86
CA LEU D 110 15.16 46.15 25.03
C LEU D 110 16.24 45.20 25.55
N ARG D 111 16.88 44.47 24.63
CA ARG D 111 17.89 43.50 25.01
C ARG D 111 18.75 43.05 23.83
N GLY D 112 19.98 42.66 24.12
CA GLY D 112 20.89 42.19 23.08
C GLY D 112 21.46 40.84 23.47
N TYR D 113 21.92 40.07 22.49
CA TYR D 113 22.49 38.76 22.78
C TYR D 113 23.54 38.32 21.78
N HIS D 114 24.44 37.45 22.23
CA HIS D 114 25.53 36.92 21.42
C HIS D 114 25.96 35.61 22.08
N GLN D 115 25.51 34.50 21.49
CA GLN D 115 25.81 33.16 21.99
C GLN D 115 26.59 32.29 21.01
N TYR D 116 27.30 31.31 21.56
CA TYR D 116 28.14 30.43 20.76
C TYR D 116 28.01 29.01 21.29
N ALA D 117 28.02 28.02 20.40
CA ALA D 117 27.91 26.62 20.83
C ALA D 117 28.85 25.69 20.05
N TYR D 118 29.38 24.68 20.72
CA TYR D 118 30.26 23.71 20.06
C TYR D 118 29.57 22.35 20.10
N ASP D 119 29.39 21.75 18.93
CA ASP D 119 28.70 20.46 18.80
C ASP D 119 27.34 20.43 19.54
N GLY D 120 26.58 21.52 19.43
CA GLY D 120 25.28 21.56 20.08
C GLY D 120 25.19 21.92 21.55
N LYS D 121 26.32 22.17 22.22
CA LYS D 121 26.28 22.55 23.64
C LYS D 121 26.71 23.99 23.83
N ASP D 122 26.11 24.68 24.80
CA ASP D 122 26.50 26.05 25.09
C ASP D 122 28.00 26.04 25.30
N TYR D 123 28.66 27.07 24.81
CA TYR D 123 30.10 27.17 24.96
C TYR D 123 30.37 28.48 25.71
N ILE D 124 29.98 29.60 25.11
CA ILE D 124 30.16 30.89 25.75
C ILE D 124 29.06 31.82 25.29
N ALA D 125 28.60 32.69 26.18
CA ALA D 125 27.52 33.61 25.85
C ALA D 125 27.65 34.94 26.59
N LEU D 126 27.29 36.02 25.92
CA LEU D 126 27.35 37.34 26.52
C LEU D 126 26.16 37.44 27.47
N LYS D 127 26.38 37.93 28.68
CA LYS D 127 25.28 38.05 29.63
C LYS D 127 24.42 39.26 29.30
N GLU D 128 23.25 39.36 29.92
CA GLU D 128 22.35 40.46 29.61
C GLU D 128 22.91 41.87 29.80
N ASP D 129 23.88 42.06 30.70
CA ASP D 129 24.47 43.39 30.91
C ASP D 129 25.44 43.79 29.79
N LEU D 130 25.67 42.87 28.86
CA LEU D 130 26.56 43.12 27.73
C LEU D 130 27.98 43.50 28.11
N ARG D 131 28.36 43.20 29.35
CA ARG D 131 29.71 43.51 29.83
C ARG D 131 30.43 42.26 30.36
N SER D 132 29.70 41.16 30.55
CA SER D 132 30.31 39.92 31.05
C SER D 132 29.97 38.65 30.28
N TRP D 133 30.75 37.60 30.54
CA TRP D 133 30.59 36.32 29.85
C TRP D 133 30.29 35.11 30.73
N THR D 134 29.64 34.12 30.10
CA THR D 134 29.33 32.86 30.73
C THR D 134 30.13 31.78 30.04
N ALA D 135 31.16 31.28 30.70
CA ALA D 135 31.99 30.22 30.15
C ALA D 135 31.58 28.96 30.91
N ALA D 136 31.25 27.91 30.17
CA ALA D 136 30.81 26.66 30.79
C ALA D 136 32.00 25.77 31.17
N ASP D 137 32.94 25.74 30.25
CA ASP D 137 34.14 24.92 30.26
C ASP D 137 35.44 25.59 30.65
N MET D 138 36.52 24.80 30.68
CA MET D 138 37.86 25.32 30.95
C MET D 138 38.27 25.88 29.58
N ALA D 139 37.84 25.17 28.54
CA ALA D 139 38.11 25.58 27.17
C ALA D 139 37.42 26.92 26.93
N ALA D 140 36.16 27.01 27.36
CA ALA D 140 35.39 28.23 27.20
C ALA D 140 36.00 29.37 28.03
N GLN D 141 36.56 29.03 29.20
CA GLN D 141 37.18 30.04 30.06
C GLN D 141 38.42 30.63 29.41
N THR D 142 39.11 29.84 28.59
CA THR D 142 40.30 30.29 27.86
C THR D 142 39.85 31.31 26.82
N THR D 143 38.76 31.00 26.13
CA THR D 143 38.20 31.88 25.12
C THR D 143 37.74 33.17 25.78
N LYS D 144 37.14 33.03 26.95
CA LYS D 144 36.64 34.18 27.68
C LYS D 144 37.78 35.15 27.95
N HIS D 145 38.93 34.63 28.34
CA HIS D 145 40.09 35.49 28.61
C HIS D 145 40.55 36.24 27.36
N LYS D 146 40.61 35.54 26.23
CA LYS D 146 41.01 36.19 24.98
C LYS D 146 40.07 37.37 24.74
N TRP D 147 38.77 37.08 24.82
CA TRP D 147 37.75 38.08 24.58
C TRP D 147 37.74 39.26 25.55
N GLU D 148 38.12 39.03 26.79
CA GLU D 148 38.19 40.11 27.76
C GLU D 148 39.38 41.01 27.43
N ALA D 149 40.50 40.39 27.08
CA ALA D 149 41.71 41.12 26.74
C ALA D 149 41.58 41.90 25.43
N ALA D 150 40.73 41.40 24.53
CA ALA D 150 40.51 42.07 23.26
C ALA D 150 39.30 43.01 23.30
N HIS D 151 38.66 43.08 24.46
CA HIS D 151 37.51 43.97 24.64
C HIS D 151 36.38 43.73 23.63
N VAL D 152 36.10 42.45 23.41
CA VAL D 152 35.07 42.03 22.49
C VAL D 152 33.68 42.47 22.94
N ALA D 153 33.40 42.29 24.24
CA ALA D 153 32.11 42.66 24.82
C ALA D 153 31.77 44.11 24.54
N GLU D 154 32.74 45.01 24.68
CA GLU D 154 32.48 46.42 24.44
C GLU D 154 32.16 46.69 22.99
N GLN D 155 32.80 45.96 22.07
CA GLN D 155 32.52 46.17 20.66
C GLN D 155 31.10 45.65 20.38
N LEU D 156 30.78 44.50 20.96
CA LEU D 156 29.47 43.91 20.79
C LEU D 156 28.35 44.81 21.30
N ARG D 157 28.57 45.42 22.46
CA ARG D 157 27.59 46.31 23.06
C ARG D 157 27.28 47.50 22.15
N ALA D 158 28.31 48.09 21.55
CA ALA D 158 28.09 49.22 20.64
C ALA D 158 27.25 48.75 19.46
N TYR D 159 27.59 47.58 18.92
CA TYR D 159 26.86 47.03 17.80
C TYR D 159 25.40 46.72 18.14
N LEU D 160 25.21 45.92 19.19
CA LEU D 160 23.88 45.50 19.61
C LEU D 160 22.91 46.62 20.01
N GLU D 161 23.43 47.66 20.66
CA GLU D 161 22.57 48.78 21.08
C GLU D 161 22.52 49.90 20.06
N GLY D 162 23.50 49.91 19.14
CA GLY D 162 23.55 50.93 18.13
C GLY D 162 23.04 50.46 16.77
N THR D 163 23.98 50.11 15.89
CA THR D 163 23.63 49.68 14.56
C THR D 163 22.60 48.55 14.46
N CYS D 164 22.57 47.62 15.44
CA CYS D 164 21.58 46.53 15.38
C CYS D 164 20.14 47.08 15.40
N VAL D 165 19.85 47.90 16.41
CA VAL D 165 18.55 48.52 16.58
C VAL D 165 18.23 49.46 15.41
N GLU D 166 19.23 50.20 14.97
CA GLU D 166 19.06 51.15 13.88
C GLU D 166 18.65 50.51 12.56
N TRP D 167 19.31 49.43 12.18
CA TRP D 167 18.95 48.79 10.92
C TRP D 167 17.65 48.01 11.04
N LEU D 168 17.32 47.55 12.24
CA LEU D 168 16.06 46.84 12.48
C LEU D 168 14.96 47.84 12.13
N ARG D 169 15.04 49.03 12.74
CA ARG D 169 14.06 50.08 12.47
C ARG D 169 13.95 50.39 10.99
N ARG D 170 15.09 50.56 10.33
CA ARG D 170 15.09 50.82 8.90
C ARG D 170 14.35 49.71 8.16
N TYR D 171 14.69 48.45 8.48
CA TYR D 171 14.05 47.31 7.84
C TYR D 171 12.55 47.28 8.10
N LEU D 172 12.16 47.57 9.34
CA LEU D 172 10.74 47.56 9.68
C LEU D 172 10.01 48.61 8.84
N GLU D 173 10.68 49.75 8.64
CA GLU D 173 10.14 50.85 7.86
C GLU D 173 10.09 50.46 6.37
N ASN D 174 11.22 50.02 5.81
CA ASN D 174 11.24 49.64 4.39
C ASN D 174 10.35 48.45 4.04
N GLY D 175 10.17 47.53 4.96
CA GLY D 175 9.34 46.37 4.69
C GLY D 175 8.03 46.39 5.45
N LYS D 176 7.55 47.59 5.76
CA LYS D 176 6.30 47.74 6.52
C LYS D 176 5.16 46.78 6.17
N GLU D 177 4.76 46.73 4.90
CA GLU D 177 3.66 45.89 4.46
C GLU D 177 3.75 44.45 4.91
N THR D 178 4.96 43.94 4.86
CA THR D 178 5.26 42.54 5.18
C THR D 178 5.57 42.36 6.70
N LEU D 179 6.57 43.10 7.18
CA LEU D 179 7.04 43.04 8.57
C LEU D 179 6.12 43.70 9.62
N GLN D 180 5.36 44.71 9.24
CA GLN D 180 4.51 45.37 10.23
C GLN D 180 3.07 44.91 10.18
N ARG D 181 2.77 43.92 9.35
CA ARG D 181 1.39 43.45 9.26
C ARG D 181 1.19 42.25 10.18
N THR D 182 -0.05 41.81 10.26
CA THR D 182 -0.37 40.69 11.12
C THR D 182 -1.39 39.90 10.33
N ASP D 183 -1.26 38.58 10.25
CA ASP D 183 -2.28 37.78 9.55
C ASP D 183 -2.92 36.89 10.60
N ALA D 184 -4.18 37.15 10.92
CA ALA D 184 -4.90 36.34 11.90
C ALA D 184 -5.13 34.96 11.30
N PRO D 185 -5.11 33.91 12.14
CA PRO D 185 -5.31 32.56 11.64
C PRO D 185 -6.70 32.29 11.17
N LYS D 186 -6.72 31.56 10.07
CA LYS D 186 -7.96 31.04 9.48
C LYS D 186 -8.18 29.70 10.16
N THR D 187 -9.24 29.62 10.91
CA THR D 187 -9.48 28.43 11.71
C THR D 187 -10.67 27.62 11.29
N HIS D 188 -10.66 26.35 11.67
CA HIS D 188 -11.74 25.42 11.38
C HIS D 188 -11.50 24.08 12.08
N MET D 189 -12.55 23.27 12.15
CA MET D 189 -12.52 22.00 12.84
C MET D 189 -12.86 20.81 11.93
N THR D 190 -12.29 19.65 12.26
CA THR D 190 -12.59 18.42 11.53
C THR D 190 -12.99 17.37 12.56
N HIS D 191 -13.82 16.44 12.11
CA HIS D 191 -14.34 15.38 12.95
C HIS D 191 -14.13 14.09 12.17
N HIS D 192 -13.59 13.07 12.81
CA HIS D 192 -13.34 11.82 12.13
C HIS D 192 -13.58 10.61 13.03
N ALA D 193 -14.49 9.73 12.62
CA ALA D 193 -14.79 8.56 13.43
C ALA D 193 -13.58 7.63 13.49
N VAL D 194 -13.10 7.38 14.69
CA VAL D 194 -11.94 6.52 14.91
C VAL D 194 -12.41 5.08 15.07
N SER D 195 -13.58 4.92 15.67
CA SER D 195 -14.21 3.63 15.89
C SER D 195 -15.70 3.87 16.09
N ASP D 196 -16.42 2.87 16.58
CA ASP D 196 -17.85 2.97 16.79
C ASP D 196 -18.24 3.85 17.98
N HIS D 197 -17.34 4.03 18.94
CA HIS D 197 -17.65 4.83 20.13
C HIS D 197 -16.64 5.94 20.45
N GLU D 198 -15.83 6.31 19.47
CA GLU D 198 -14.84 7.35 19.68
C GLU D 198 -14.65 8.18 18.42
N ALA D 199 -14.19 9.42 18.58
CA ALA D 199 -13.98 10.29 17.43
C ALA D 199 -12.90 11.35 17.67
N THR D 200 -12.18 11.68 16.61
CA THR D 200 -11.12 12.69 16.69
C THR D 200 -11.61 14.08 16.30
N LEU D 201 -11.33 15.05 17.15
CA LEU D 201 -11.70 16.43 16.89
C LEU D 201 -10.40 17.19 16.69
N ARG D 202 -10.22 17.76 15.51
CA ARG D 202 -9.01 18.52 15.22
C ARG D 202 -9.33 19.99 14.95
N CYS D 203 -8.63 20.86 15.68
CA CYS D 203 -8.81 22.31 15.54
C CYS D 203 -7.62 22.88 14.76
N TRP D 204 -7.92 23.53 13.65
CA TRP D 204 -6.91 24.09 12.77
C TRP D 204 -6.70 25.61 12.82
N ALA D 205 -5.44 26.04 12.68
CA ALA D 205 -5.11 27.46 12.62
C ALA D 205 -4.17 27.61 11.42
N LEU D 206 -4.64 28.26 10.36
CA LEU D 206 -3.84 28.42 9.14
C LEU D 206 -3.49 29.85 8.71
N SER D 207 -2.43 29.96 7.90
CA SER D 207 -1.88 31.20 7.38
C SER D 207 -1.91 32.42 8.29
N PHE D 208 -1.30 32.26 9.46
CA PHE D 208 -1.19 33.34 10.42
C PHE D 208 0.25 33.79 10.46
N TYR D 209 0.45 35.01 10.93
CA TYR D 209 1.77 35.60 11.06
C TYR D 209 1.58 36.69 12.10
N PRO D 210 2.51 36.81 13.08
CA PRO D 210 3.70 35.99 13.27
C PRO D 210 3.40 34.58 13.77
N ALA D 211 4.44 33.78 14.00
CA ALA D 211 4.30 32.39 14.42
C ALA D 211 3.73 32.14 15.82
N GLU D 212 3.96 33.08 16.72
CA GLU D 212 3.47 32.99 18.09
C GLU D 212 1.96 32.74 18.11
N ILE D 213 1.52 31.73 18.88
CA ILE D 213 0.09 31.41 18.97
C ILE D 213 -0.20 30.44 20.13
N THR D 214 -1.43 30.47 20.61
CA THR D 214 -1.85 29.58 21.68
C THR D 214 -3.12 28.90 21.19
N LEU D 215 -3.03 27.59 21.04
CA LEU D 215 -4.11 26.75 20.54
C LEU D 215 -4.40 25.72 21.64
N THR D 216 -5.64 25.69 22.11
CA THR D 216 -5.97 24.83 23.23
C THR D 216 -7.37 24.19 23.22
N TRP D 217 -7.53 23.04 23.89
CA TRP D 217 -8.83 22.36 24.00
C TRP D 217 -9.26 22.28 25.46
N GLN D 218 -10.57 22.39 25.67
CA GLN D 218 -11.16 22.32 27.01
C GLN D 218 -12.39 21.43 26.99
N ARG D 219 -12.68 20.78 28.10
CA ARG D 219 -13.88 19.93 28.22
C ARG D 219 -14.58 20.56 29.40
N ASP D 220 -15.78 21.10 29.17
CA ASP D 220 -16.54 21.77 30.24
C ASP D 220 -15.75 22.94 30.79
N GLY D 221 -14.96 23.61 29.96
CA GLY D 221 -14.21 24.75 30.46
C GLY D 221 -12.95 24.40 31.23
N GLU D 222 -12.49 23.15 31.14
CA GLU D 222 -11.27 22.79 31.84
C GLU D 222 -10.20 22.33 30.85
N ASP D 223 -9.01 22.88 31.02
CA ASP D 223 -7.87 22.58 30.18
C ASP D 223 -7.63 21.06 30.05
N GLN D 224 -7.32 20.63 28.84
CA GLN D 224 -7.09 19.22 28.53
C GLN D 224 -5.66 18.97 28.03
N THR D 225 -4.71 19.76 28.54
CA THR D 225 -3.31 19.64 28.14
C THR D 225 -2.77 18.23 27.95
N GLN D 226 -2.93 17.38 28.95
CA GLN D 226 -2.41 16.03 28.84
C GLN D 226 -3.13 15.09 27.90
N ASP D 227 -4.34 15.46 27.48
CA ASP D 227 -5.08 14.61 26.56
C ASP D 227 -5.22 15.27 25.19
N THR D 228 -4.30 16.18 24.88
CA THR D 228 -4.34 16.87 23.61
C THR D 228 -3.14 16.61 22.73
N GLU D 229 -3.35 16.26 21.46
CA GLU D 229 -2.20 16.12 20.60
C GLU D 229 -2.04 17.51 19.97
N LEU D 230 -0.90 18.11 20.25
CA LEU D 230 -0.56 19.45 19.79
C LEU D 230 0.70 19.38 18.93
N VAL D 231 0.63 19.74 17.65
CA VAL D 231 1.85 19.69 16.84
C VAL D 231 2.63 21.00 16.92
N GLU D 232 3.92 20.92 16.60
CA GLU D 232 4.77 22.10 16.64
C GLU D 232 4.42 23.06 15.48
N THR D 233 4.36 24.35 15.80
CA THR D 233 4.04 25.37 14.79
C THR D 233 4.95 25.15 13.59
N ARG D 234 4.38 25.16 12.40
CA ARG D 234 5.15 24.88 11.19
C ARG D 234 4.99 25.91 10.07
N PRO D 235 6.03 26.07 9.23
CA PRO D 235 6.03 27.01 8.12
C PRO D 235 5.23 26.49 6.93
N ALA D 236 4.35 27.33 6.37
CA ALA D 236 3.55 26.94 5.22
C ALA D 236 4.40 26.99 3.94
N GLY D 237 5.49 27.73 3.97
CA GLY D 237 6.34 27.81 2.81
C GLY D 237 6.15 29.11 2.05
N ASP D 238 5.15 29.90 2.47
CA ASP D 238 4.86 31.17 1.82
C ASP D 238 4.94 32.34 2.79
N GLY D 239 5.64 32.16 3.91
CA GLY D 239 5.74 33.24 4.86
C GLY D 239 4.73 33.10 6.00
N THR D 240 3.69 32.28 5.81
CA THR D 240 2.74 32.10 6.92
C THR D 240 3.03 30.81 7.69
N PHE D 241 2.30 30.59 8.77
CA PHE D 241 2.49 29.42 9.61
C PHE D 241 1.19 28.67 9.84
N GLN D 242 1.32 27.45 10.32
CA GLN D 242 0.18 26.58 10.61
C GLN D 242 0.37 25.81 11.91
N LYS D 243 -0.73 25.32 12.45
CA LYS D 243 -0.70 24.53 13.68
C LYS D 243 -2.04 23.88 13.96
N TRP D 244 -2.05 22.73 14.60
CA TRP D 244 -3.31 22.09 14.96
C TRP D 244 -3.25 21.36 16.30
N ALA D 245 -4.42 21.26 16.92
CA ALA D 245 -4.57 20.59 18.21
C ALA D 245 -5.71 19.57 18.11
N ALA D 246 -5.50 18.38 18.63
CA ALA D 246 -6.53 17.34 18.54
C ALA D 246 -6.76 16.54 19.83
N VAL D 247 -8.01 16.10 20.00
CA VAL D 247 -8.40 15.31 21.16
C VAL D 247 -9.34 14.22 20.71
N VAL D 248 -9.26 13.07 21.36
CA VAL D 248 -10.13 11.96 21.05
C VAL D 248 -11.33 12.08 21.96
N VAL D 249 -12.49 12.12 21.34
CA VAL D 249 -13.76 12.32 22.01
C VAL D 249 -14.68 11.08 22.01
N PRO D 250 -15.30 10.79 23.17
CA PRO D 250 -16.21 9.64 23.24
C PRO D 250 -17.44 10.07 22.45
N SER D 251 -17.86 9.28 21.47
CA SER D 251 -19.02 9.64 20.66
C SER D 251 -20.18 10.07 21.55
N GLY D 252 -20.78 11.21 21.21
CA GLY D 252 -21.89 11.75 21.98
C GLY D 252 -21.49 12.90 22.91
N GLN D 253 -20.19 13.15 23.05
CA GLN D 253 -19.72 14.22 23.94
C GLN D 253 -19.10 15.40 23.20
N GLU D 254 -19.25 15.46 21.87
CA GLU D 254 -18.65 16.56 21.10
C GLU D 254 -18.92 17.95 21.66
N GLN D 255 -20.18 18.20 22.02
CA GLN D 255 -20.60 19.48 22.54
C GLN D 255 -19.93 20.00 23.81
N ARG D 256 -19.35 19.13 24.63
CA ARG D 256 -18.71 19.64 25.85
C ARG D 256 -17.27 20.14 25.64
N TYR D 257 -16.76 20.06 24.41
CA TYR D 257 -15.39 20.50 24.09
C TYR D 257 -15.30 21.83 23.35
N THR D 258 -14.36 22.67 23.77
CA THR D 258 -14.13 23.95 23.10
C THR D 258 -12.67 24.11 22.74
N CYS D 259 -12.42 24.68 21.57
CA CYS D 259 -11.07 24.94 21.13
C CYS D 259 -10.87 26.44 21.33
N HIS D 260 -9.72 26.81 21.89
CA HIS D 260 -9.45 28.21 22.13
C HIS D 260 -8.23 28.65 21.34
N VAL D 261 -8.38 29.76 20.62
CA VAL D 261 -7.30 30.29 19.78
C VAL D 261 -6.91 31.71 20.18
N GLN D 262 -5.63 31.89 20.48
CA GLN D 262 -5.10 33.20 20.84
C GLN D 262 -3.99 33.59 19.88
N HIS D 263 -4.13 34.78 19.32
CA HIS D 263 -3.14 35.27 18.37
C HIS D 263 -3.21 36.79 18.28
N GLU D 264 -2.04 37.40 18.07
CA GLU D 264 -1.89 38.85 17.95
C GLU D 264 -2.87 39.50 16.97
N GLY D 265 -3.18 38.78 15.89
CA GLY D 265 -4.08 39.31 14.87
C GLY D 265 -5.57 39.09 15.07
N LEU D 266 -5.96 38.59 16.23
CA LEU D 266 -7.37 38.36 16.53
C LEU D 266 -7.81 39.44 17.52
N PRO D 267 -8.85 40.21 17.16
CA PRO D 267 -9.38 41.26 18.02
C PRO D 267 -9.79 40.70 19.39
N LYS D 268 -10.36 39.49 19.34
CA LYS D 268 -10.82 38.75 20.53
C LYS D 268 -10.37 37.31 20.42
N PRO D 269 -10.05 36.67 21.56
CA PRO D 269 -9.61 35.27 21.52
C PRO D 269 -10.83 34.45 21.00
N LEU D 270 -10.57 33.49 20.12
CA LEU D 270 -11.64 32.66 19.56
C LEU D 270 -11.98 31.44 20.40
N THR D 271 -13.25 31.09 20.42
CA THR D 271 -13.77 29.93 21.13
C THR D 271 -14.62 29.17 20.13
N LEU D 272 -14.18 27.97 19.75
CA LEU D 272 -14.88 27.14 18.79
C LEU D 272 -15.42 25.87 19.43
N ARG D 273 -16.50 25.36 18.86
CA ARG D 273 -17.12 24.15 19.38
C ARG D 273 -17.74 23.41 18.20
N TRP D 274 -17.56 22.10 18.18
CA TRP D 274 -18.16 21.29 17.13
C TRP D 274 -19.67 21.39 17.41
N GLU D 275 -20.47 21.75 16.40
CA GLU D 275 -21.92 21.86 16.62
C GLU D 275 -22.74 22.34 15.40
N MET E 1 29.13 12.72 20.88
CA MET E 1 28.55 14.08 21.10
C MET E 1 27.03 14.05 21.04
N ILE E 2 26.45 15.23 21.25
CA ILE E 2 25.02 15.38 21.21
C ILE E 2 24.45 14.90 19.88
N GLN E 3 23.36 14.15 19.96
CA GLN E 3 22.68 13.62 18.80
C GLN E 3 21.18 13.70 19.06
N ARG E 4 20.50 14.58 18.33
CA ARG E 4 19.06 14.74 18.48
C ARG E 4 18.32 14.31 17.22
N THR E 5 17.28 13.52 17.44
CA THR E 5 16.48 12.98 16.36
C THR E 5 15.44 14.00 15.85
N PRO E 6 15.32 14.11 14.52
CA PRO E 6 14.40 15.02 13.84
C PRO E 6 12.94 14.67 13.89
N LYS E 7 12.15 15.70 14.12
CA LYS E 7 10.70 15.55 14.12
C LYS E 7 10.36 15.72 12.65
N ILE E 8 9.32 15.04 12.19
CA ILE E 8 8.93 15.11 10.79
C ILE E 8 7.46 15.36 10.55
N GLN E 9 7.15 16.35 9.72
CA GLN E 9 5.76 16.64 9.39
C GLN E 9 5.61 16.78 7.87
N VAL E 10 4.69 15.98 7.31
CA VAL E 10 4.43 16.02 5.88
C VAL E 10 3.06 16.68 5.74
N TYR E 11 2.98 17.74 4.95
CA TYR E 11 1.71 18.44 4.79
C TYR E 11 1.71 19.30 3.53
N SER E 12 0.54 19.84 3.17
CA SER E 12 0.44 20.69 2.00
C SER E 12 0.35 22.16 2.43
N ARG E 13 0.81 23.05 1.56
CA ARG E 13 0.78 24.48 1.87
C ARG E 13 -0.64 25.01 2.00
N HIS E 14 -1.53 24.53 1.14
CA HIS E 14 -2.94 24.92 1.18
C HIS E 14 -3.75 23.65 1.36
N PRO E 15 -5.03 23.79 1.76
CA PRO E 15 -5.89 22.62 1.94
C PRO E 15 -5.93 21.86 0.61
N ALA E 16 -5.79 20.53 0.67
CA ALA E 16 -5.79 19.71 -0.53
C ALA E 16 -7.13 19.59 -1.28
N GLU E 17 -7.12 20.00 -2.54
CA GLU E 17 -8.29 19.90 -3.39
C GLU E 17 -7.80 19.20 -4.64
N ASN E 18 -8.33 18.01 -4.90
CA ASN E 18 -7.91 17.25 -6.07
C ASN E 18 -8.07 18.08 -7.35
N GLY E 19 -7.04 18.07 -8.18
CA GLY E 19 -7.08 18.83 -9.43
C GLY E 19 -6.46 20.22 -9.34
N LYS E 20 -6.26 20.72 -8.12
CA LYS E 20 -5.69 22.06 -7.94
C LYS E 20 -4.22 21.98 -7.53
N SER E 21 -3.38 22.82 -8.16
CA SER E 21 -1.95 22.81 -7.87
C SER E 21 -1.71 23.31 -6.45
N ASN E 22 -0.67 22.79 -5.82
CA ASN E 22 -0.38 23.09 -4.42
C ASN E 22 1.12 22.88 -4.20
N PHE E 23 1.52 22.85 -2.93
CA PHE E 23 2.91 22.58 -2.59
C PHE E 23 2.89 21.51 -1.50
N LEU E 24 3.73 20.50 -1.66
CA LEU E 24 3.85 19.43 -0.67
C LEU E 24 5.07 19.76 0.18
N ASN E 25 4.89 19.79 1.50
CA ASN E 25 5.99 20.11 2.37
C ASN E 25 6.42 18.97 3.29
N CYS E 26 7.70 19.00 3.65
CA CYS E 26 8.23 18.08 4.62
C CYS E 26 9.13 18.92 5.49
N TYR E 27 8.70 19.13 6.72
CA TYR E 27 9.43 19.94 7.66
C TYR E 27 10.16 19.10 8.70
N VAL E 28 11.48 19.23 8.75
CA VAL E 28 12.26 18.47 9.75
C VAL E 28 12.86 19.45 10.74
N SER E 29 12.78 19.11 12.03
CA SER E 29 13.31 20.00 13.06
C SER E 29 13.76 19.28 14.33
N GLY E 30 14.40 20.04 15.21
CA GLY E 30 14.87 19.51 16.47
C GLY E 30 16.01 18.51 16.37
N PHE E 31 16.71 18.47 15.25
CA PHE E 31 17.80 17.51 15.08
C PHE E 31 19.23 18.06 15.16
N HIS E 32 20.17 17.14 15.39
CA HIS E 32 21.59 17.49 15.50
C HIS E 32 22.39 16.18 15.46
N PRO E 33 23.50 16.15 14.70
CA PRO E 33 24.02 17.28 13.90
C PRO E 33 23.21 17.58 12.62
N SER E 34 23.73 18.48 11.78
CA SER E 34 23.01 18.94 10.59
C SER E 34 22.99 18.07 9.32
N ASP E 35 23.80 17.02 9.20
CA ASP E 35 23.70 16.20 7.99
C ASP E 35 22.40 15.43 8.08
N ILE E 36 21.61 15.49 7.01
CA ILE E 36 20.33 14.82 6.99
C ILE E 36 19.91 14.66 5.53
N GLU E 37 19.40 13.49 5.18
CA GLU E 37 18.92 13.27 3.82
C GLU E 37 17.40 13.32 3.93
N VAL E 38 16.76 14.10 3.07
CA VAL E 38 15.30 14.25 3.06
C VAL E 38 14.78 14.12 1.63
N ASP E 39 13.82 13.23 1.41
CA ASP E 39 13.23 13.04 0.07
C ASP E 39 11.71 12.99 0.11
N LEU E 40 11.08 13.48 -0.97
CA LEU E 40 9.63 13.44 -1.07
C LEU E 40 9.31 12.35 -2.09
N LEU E 41 8.27 11.57 -1.84
CA LEU E 41 7.92 10.47 -2.74
C LEU E 41 6.51 10.50 -3.26
N LYS E 42 6.35 10.13 -4.53
CA LYS E 42 5.06 10.06 -5.18
C LYS E 42 4.83 8.60 -5.59
N ASN E 43 3.94 7.93 -4.87
CA ASN E 43 3.64 6.54 -5.12
C ASN E 43 4.91 5.69 -4.96
N GLY E 44 5.66 6.00 -3.90
CA GLY E 44 6.89 5.28 -3.60
C GLY E 44 8.13 5.66 -4.39
N GLU E 45 8.03 6.67 -5.24
CA GLU E 45 9.13 7.07 -6.09
C GLU E 45 9.70 8.44 -5.70
N ARG E 46 11.02 8.60 -5.82
CA ARG E 46 11.67 9.85 -5.45
C ARG E 46 11.32 10.99 -6.40
N ILE E 47 10.83 12.10 -5.85
CA ILE E 47 10.50 13.26 -6.66
C ILE E 47 11.82 14.02 -6.87
N GLU E 48 12.20 14.25 -8.12
CA GLU E 48 13.47 14.93 -8.38
C GLU E 48 13.54 16.45 -8.23
N LYS E 49 12.44 17.15 -8.44
CA LYS E 49 12.50 18.60 -8.31
C LYS E 49 12.08 19.03 -6.92
N VAL E 50 12.98 18.91 -5.96
CA VAL E 50 12.68 19.28 -4.58
C VAL E 50 13.62 20.33 -4.03
N GLU E 51 13.08 21.41 -3.50
CA GLU E 51 13.94 22.45 -2.95
C GLU E 51 13.81 22.46 -1.45
N HIS E 52 14.68 23.20 -0.78
CA HIS E 52 14.66 23.28 0.68
C HIS E 52 15.15 24.65 1.18
N SER E 53 14.69 25.04 2.36
CA SER E 53 15.07 26.30 2.97
C SER E 53 16.54 26.28 3.36
N ASP E 54 17.06 27.45 3.72
CA ASP E 54 18.46 27.59 4.12
C ASP E 54 18.58 27.11 5.55
N LEU E 55 19.65 26.40 5.84
CA LEU E 55 19.89 25.85 7.17
C LEU E 55 19.86 26.90 8.30
N SER E 56 19.04 26.63 9.32
CA SER E 56 18.93 27.52 10.49
C SER E 56 18.62 26.68 11.74
N PHE E 57 18.55 27.34 12.90
CA PHE E 57 18.32 26.62 14.15
C PHE E 57 17.54 27.39 15.20
N SER E 58 16.99 26.65 16.17
CA SER E 58 16.20 27.21 17.26
C SER E 58 17.09 27.67 18.41
N LYS E 59 16.47 28.15 19.49
CA LYS E 59 17.20 28.62 20.65
C LYS E 59 18.03 27.54 21.36
N ASP E 60 17.59 26.29 21.26
CA ASP E 60 18.32 25.19 21.90
C ASP E 60 19.42 24.63 20.97
N TRP E 61 19.67 25.37 19.88
CA TRP E 61 20.68 25.05 18.87
C TRP E 61 20.30 23.94 17.89
N SER E 62 19.14 23.31 18.07
CA SER E 62 18.74 22.25 17.15
C SER E 62 18.32 22.82 15.80
N PHE E 63 18.60 22.06 14.74
CA PHE E 63 18.34 22.50 13.37
C PHE E 63 16.93 22.28 12.81
N TYR E 64 16.60 23.04 11.78
CA TYR E 64 15.31 22.89 11.11
C TYR E 64 15.42 23.28 9.63
N LEU E 65 14.73 22.51 8.78
CA LEU E 65 14.75 22.69 7.33
C LEU E 65 13.37 22.38 6.73
N LEU E 66 13.02 23.09 5.66
CA LEU E 66 11.75 22.84 4.97
C LEU E 66 12.04 22.41 3.54
N TYR E 67 11.71 21.16 3.20
CA TYR E 67 11.86 20.68 1.84
C TYR E 67 10.45 20.80 1.27
N TYR E 68 10.34 21.12 -0.01
CA TYR E 68 9.05 21.33 -0.61
C TYR E 68 9.04 21.21 -2.11
N THR E 69 7.89 20.86 -2.68
CA THR E 69 7.77 20.74 -4.12
C THR E 69 6.32 20.99 -4.60
N GLU E 70 6.20 21.52 -5.81
CA GLU E 70 4.89 21.80 -6.42
C GLU E 70 4.20 20.48 -6.71
N PHE E 71 2.89 20.44 -6.53
CA PHE E 71 2.15 19.21 -6.81
C PHE E 71 0.65 19.44 -6.92
N THR E 72 -0.01 18.51 -7.60
CA THR E 72 -1.44 18.60 -7.79
C THR E 72 -2.05 17.33 -7.22
N PRO E 73 -2.54 17.41 -5.98
CA PRO E 73 -3.15 16.24 -5.33
C PRO E 73 -4.22 15.57 -6.18
N THR E 74 -4.42 14.29 -5.90
CA THR E 74 -5.36 13.48 -6.63
C THR E 74 -6.01 12.54 -5.62
N GLU E 75 -7.09 11.87 -6.00
CA GLU E 75 -7.74 10.98 -5.07
C GLU E 75 -6.89 9.75 -4.79
N LYS E 76 -6.22 9.24 -5.82
CA LYS E 76 -5.44 8.03 -5.67
C LYS E 76 -3.93 8.17 -5.44
N ASP E 77 -3.35 9.31 -5.79
CA ASP E 77 -1.91 9.45 -5.58
C ASP E 77 -1.52 9.46 -4.10
N GLU E 78 -0.43 8.74 -3.83
CA GLU E 78 0.13 8.56 -2.49
C GLU E 78 1.45 9.33 -2.37
N TYR E 79 1.61 10.13 -1.30
CA TYR E 79 2.86 10.86 -1.13
C TYR E 79 3.45 10.60 0.24
N ALA E 80 4.76 10.73 0.34
CA ALA E 80 5.42 10.50 1.60
C ALA E 80 6.78 11.18 1.68
N CYS E 81 7.26 11.33 2.91
CA CYS E 81 8.56 11.92 3.11
C CYS E 81 9.46 10.86 3.72
N ARG E 82 10.66 10.74 3.18
CA ARG E 82 11.60 9.78 3.73
C ARG E 82 12.81 10.50 4.26
N VAL E 83 13.15 10.24 5.51
CA VAL E 83 14.26 10.90 6.16
C VAL E 83 15.30 9.98 6.75
N ASN E 84 16.57 10.37 6.61
CA ASN E 84 17.60 9.58 7.25
C ASN E 84 18.53 10.54 7.96
N HIS E 85 19.06 10.06 9.08
CA HIS E 85 19.93 10.85 9.94
C HIS E 85 20.67 9.86 10.84
N VAL E 86 21.78 10.27 11.43
CA VAL E 86 22.55 9.36 12.26
C VAL E 86 21.80 8.77 13.46
N THR E 87 20.67 9.36 13.82
CA THR E 87 19.88 8.90 14.95
C THR E 87 18.81 7.87 14.59
N LEU E 88 18.78 7.45 13.33
CA LEU E 88 17.79 6.48 12.88
C LEU E 88 18.47 5.21 12.38
N SER E 89 18.00 4.05 12.83
CA SER E 89 18.61 2.79 12.38
C SER E 89 18.37 2.69 10.88
N GLN E 90 17.16 3.06 10.45
CA GLN E 90 16.76 3.03 9.04
C GLN E 90 16.02 4.30 8.64
N PRO E 91 15.82 4.48 7.33
CA PRO E 91 15.11 5.66 6.83
C PRO E 91 13.71 5.70 7.45
N LYS E 92 13.34 6.84 8.03
CA LYS E 92 12.02 6.94 8.60
C LYS E 92 11.09 7.50 7.52
N ILE E 93 10.03 6.76 7.23
CA ILE E 93 9.05 7.17 6.25
C ILE E 93 7.71 7.49 6.87
N VAL E 94 7.20 8.69 6.60
CA VAL E 94 5.87 9.05 7.09
C VAL E 94 5.06 9.56 5.91
N LYS E 95 3.88 8.96 5.77
CA LYS E 95 2.96 9.22 4.69
C LYS E 95 2.23 10.51 4.86
N TRP E 96 1.81 11.08 3.73
CA TRP E 96 1.06 12.32 3.73
C TRP E 96 -0.41 11.96 3.97
N ASP E 97 -1.03 12.70 4.87
CA ASP E 97 -2.43 12.54 5.22
C ASP E 97 -3.00 13.94 5.09
N ARG E 98 -3.90 14.16 4.14
CA ARG E 98 -4.46 15.49 3.95
C ARG E 98 -5.14 16.11 5.16
N ASP E 99 -5.54 15.30 6.14
CA ASP E 99 -6.19 15.85 7.34
C ASP E 99 -5.18 16.09 8.46
N MET E 100 -3.88 16.10 8.12
CA MET E 100 -2.85 16.31 9.14
C MET E 100 -1.69 17.23 8.76
N ILE F 1 22.02 44.89 9.21
CA ILE F 1 23.30 44.36 8.65
C ILE F 1 24.12 43.59 9.69
N ILE F 2 25.06 42.83 9.16
CA ILE F 2 25.94 41.99 9.90
C ILE F 2 26.96 42.77 10.72
N SER F 3 27.41 42.19 11.83
CA SER F 3 28.40 42.85 12.68
C SER F 3 29.79 42.76 12.03
N ALA F 4 30.67 43.67 12.40
CA ALA F 4 32.01 43.68 11.85
C ALA F 4 33.03 43.09 12.85
N VAL F 5 32.57 42.77 14.04
CA VAL F 5 33.45 42.15 15.02
C VAL F 5 33.10 40.66 15.03
N VAL F 6 34.12 39.82 14.99
CA VAL F 6 33.91 38.39 15.02
C VAL F 6 35.15 37.77 15.66
N GLY F 7 35.34 38.10 16.94
CA GLY F 7 36.46 37.56 17.70
C GLY F 7 36.71 36.06 17.62
N ILE F 8 37.97 35.68 17.34
CA ILE F 8 38.42 34.30 17.23
C ILE F 8 38.40 33.62 18.62
N LEU F 9 37.99 32.35 18.65
CA LEU F 9 37.95 31.59 19.91
C LEU F 9 39.33 31.27 20.47
#